data_1HGY
#
_entry.id   1HGY
#
_cell.length_a   49.600
_cell.length_b   67.500
_cell.length_c   53.800
_cell.angle_alpha   76.30
_cell.angle_beta   75.20
_cell.angle_gamma   78.40
#
_symmetry.space_group_name_H-M   'P 1'
#
loop_
_entity.id
_entity.type
_entity.pdbx_description
1 polymer 'CELLOBIOHYDROLASE CEL6A (FORMERLY CALLED CBH II)'
2 non-polymer 2-acetamido-2-deoxy-beta-D-glucopyranose
3 non-polymer alpha-D-mannopyranose
4 non-polymer beta-D-mannopyranose
5 non-polymer alpha-D-glucopyranose
6 water water
#
_entity_poly.entity_id   1
_entity_poly.type   'polypeptide(L)'
_entity_poly.pdbx_seq_one_letter_code
;SGTATYSGNPFVGVTPWANAYYASEVSSLAIPSLTGAMATAAAAVAKVPSFMWLDTLDKTPLMEQTLADIRTANKNGGNY
AGQFVVYDLPDRDCAALASNGEYSIADGGVAKYKNYIDTIRQIVVEYSDIRTLLVIEPASLANLVTNLGTPKCANAQSAY
LECINYAVTQLNLPNVAMYLDAGHAGWLGWPANQDPAAQLFANVYKNASSPRALRGLATNVANYNGWNITSPPSYTQGNA
VYNEKLYIHAIGPLLANHGWSNAFFITDQGRSGKQPTGQQQWGDWCNVIGTGFGIRPSANTGDSLLDSFVWVKPGGECDG
TSDSSAPRFDSHCALPDALQPAPQAGAWFQAYFVQLLTNANPSFL
;
_entity_poly.pdbx_strand_id   A,B
#
# COMPACT_ATOMS: atom_id res chain seq x y z
N THR A 3 -25.15 21.75 -12.72
CA THR A 3 -24.95 20.29 -12.41
C THR A 3 -23.64 20.05 -11.65
N ALA A 4 -23.66 19.07 -10.76
CA ALA A 4 -22.50 18.75 -9.94
C ALA A 4 -21.32 18.15 -10.71
N THR A 5 -21.56 17.12 -11.52
CA THR A 5 -20.44 16.53 -12.25
C THR A 5 -19.87 17.52 -13.25
N TYR A 6 -18.59 17.34 -13.60
CA TYR A 6 -17.93 18.27 -14.50
C TYR A 6 -17.00 17.58 -15.49
N SER A 7 -16.45 18.41 -16.37
CA SER A 7 -15.49 17.99 -17.38
C SER A 7 -14.64 19.24 -17.56
N GLY A 8 -13.35 19.10 -17.28
CA GLY A 8 -12.47 20.24 -17.42
C GLY A 8 -12.34 20.96 -16.09
N ASN A 9 -12.02 22.24 -16.16
CA ASN A 9 -11.84 23.08 -14.98
C ASN A 9 -13.09 23.09 -14.10
N PRO A 10 -13.03 22.39 -12.94
CA PRO A 10 -14.14 22.32 -12.00
C PRO A 10 -14.69 23.65 -11.53
N PHE A 11 -13.97 24.74 -11.84
CA PHE A 11 -14.42 26.05 -11.43
C PHE A 11 -15.30 26.74 -12.47
N VAL A 12 -15.48 26.11 -13.61
CA VAL A 12 -16.30 26.69 -14.67
C VAL A 12 -17.74 26.15 -14.61
N GLY A 13 -18.70 27.04 -14.47
CA GLY A 13 -20.09 26.60 -14.41
C GLY A 13 -20.66 26.52 -13.01
N VAL A 14 -19.95 27.13 -12.05
CA VAL A 14 -20.39 27.16 -10.66
C VAL A 14 -19.80 28.38 -9.96
N THR A 15 -20.36 28.68 -8.79
CA THR A 15 -19.92 29.83 -8.03
C THR A 15 -19.46 29.41 -6.63
N PRO A 16 -18.26 29.86 -6.22
CA PRO A 16 -17.69 29.55 -4.91
C PRO A 16 -18.54 30.18 -3.81
N TRP A 17 -19.00 29.33 -2.88
CA TRP A 17 -19.83 29.77 -1.77
C TRP A 17 -19.07 30.37 -0.59
N ALA A 18 -19.53 31.53 -0.11
CA ALA A 18 -18.91 32.15 1.04
C ALA A 18 -19.56 31.45 2.23
N ASN A 19 -18.78 30.72 3.04
CA ASN A 19 -19.34 29.99 4.18
C ASN A 19 -19.66 30.82 5.43
N ALA A 20 -20.60 30.32 6.22
CA ALA A 20 -21.05 30.97 7.44
C ALA A 20 -19.99 31.13 8.53
N TYR A 21 -19.13 30.13 8.67
CA TYR A 21 -18.09 30.14 9.68
C TYR A 21 -17.25 31.42 9.61
N TYR A 22 -16.61 31.65 8.47
CA TYR A 22 -15.79 32.86 8.31
C TYR A 22 -16.69 34.08 8.50
N ALA A 23 -17.88 34.02 7.92
CA ALA A 23 -18.83 35.12 8.01
C ALA A 23 -19.04 35.47 9.48
N SER A 24 -19.28 34.44 10.30
CA SER A 24 -19.50 34.66 11.71
C SER A 24 -18.30 35.29 12.37
N GLU A 25 -17.10 34.81 12.06
CA GLU A 25 -15.89 35.39 12.67
C GLU A 25 -15.76 36.88 12.40
N VAL A 26 -16.05 37.31 11.18
CA VAL A 26 -15.92 38.72 10.82
C VAL A 26 -17.04 39.61 11.38
N SER A 27 -18.24 39.07 11.48
CA SER A 27 -19.39 39.83 11.96
C SER A 27 -19.60 39.83 13.49
N SER A 28 -18.98 38.89 14.18
CA SER A 28 -19.12 38.81 15.63
C SER A 28 -17.81 38.80 16.39
N LEU A 29 -16.73 39.24 15.73
CA LEU A 29 -15.44 39.27 16.39
C LEU A 29 -14.59 40.42 15.91
N ALA A 30 -14.89 40.92 14.73
CA ALA A 30 -14.11 42.02 14.17
C ALA A 30 -14.94 43.28 13.95
N ILE A 31 -16.12 43.12 13.35
CA ILE A 31 -16.99 44.26 13.08
C ILE A 31 -17.36 45.07 14.33
N PRO A 32 -17.85 44.40 15.39
CA PRO A 32 -18.22 45.13 16.60
C PRO A 32 -17.07 45.98 17.13
N SER A 33 -15.89 45.82 16.55
CA SER A 33 -14.72 46.57 16.99
C SER A 33 -14.24 47.61 15.99
N LEU A 34 -15.06 47.90 14.99
CA LEU A 34 -14.71 48.88 13.96
C LEU A 34 -15.83 49.89 13.76
N THR A 35 -15.50 51.05 13.20
CA THR A 35 -16.49 52.10 12.96
C THR A 35 -16.38 52.80 11.62
N GLY A 36 -17.55 53.14 11.06
CA GLY A 36 -17.60 53.84 9.79
C GLY A 36 -17.12 53.03 8.61
N ALA A 37 -16.11 53.55 7.92
CA ALA A 37 -15.52 52.90 6.75
C ALA A 37 -15.14 51.44 7.02
N MET A 38 -14.13 51.26 7.86
CA MET A 38 -13.63 49.93 8.22
C MET A 38 -14.72 48.88 8.46
N ALA A 39 -15.71 49.23 9.28
CA ALA A 39 -16.81 48.33 9.61
C ALA A 39 -17.64 47.97 8.39
N THR A 40 -17.65 48.86 7.40
CA THR A 40 -18.40 48.64 6.18
C THR A 40 -17.56 47.84 5.17
N ALA A 41 -16.25 48.02 5.23
CA ALA A 41 -15.35 47.30 4.36
C ALA A 41 -15.25 45.85 4.82
N ALA A 42 -15.06 45.67 6.12
CA ALA A 42 -14.96 44.33 6.70
C ALA A 42 -16.16 43.48 6.33
N ALA A 43 -17.35 44.09 6.36
CA ALA A 43 -18.56 43.35 6.02
C ALA A 43 -18.53 42.86 4.58
N ALA A 44 -17.74 43.52 3.74
CA ALA A 44 -17.62 43.14 2.34
C ALA A 44 -16.67 41.94 2.19
N VAL A 45 -15.59 41.97 2.97
CA VAL A 45 -14.60 40.91 2.98
C VAL A 45 -15.24 39.56 3.22
N ALA A 46 -16.18 39.50 4.16
CA ALA A 46 -16.86 38.25 4.49
C ALA A 46 -17.74 37.74 3.35
N LYS A 47 -17.87 38.51 2.28
CA LYS A 47 -18.69 38.08 1.16
C LYS A 47 -17.82 37.38 0.11
N VAL A 48 -16.51 37.51 0.25
CA VAL A 48 -15.57 36.87 -0.67
C VAL A 48 -15.43 35.40 -0.29
N PRO A 49 -15.61 34.49 -1.26
CA PRO A 49 -15.49 33.05 -1.00
C PRO A 49 -14.08 32.59 -0.61
N SER A 50 -13.99 31.81 0.46
CA SER A 50 -12.73 31.27 0.96
C SER A 50 -12.99 29.85 1.46
N PHE A 51 -11.94 29.03 1.50
CA PHE A 51 -12.07 27.65 1.94
C PHE A 51 -12.26 27.46 3.45
N MET A 52 -13.13 26.52 3.81
CA MET A 52 -13.38 26.19 5.21
C MET A 52 -12.48 25.00 5.55
N TRP A 53 -11.70 25.13 6.61
CA TRP A 53 -10.78 24.07 7.01
C TRP A 53 -11.42 23.04 7.92
N LEU A 54 -11.22 21.77 7.61
CA LEU A 54 -11.77 20.72 8.46
C LEU A 54 -10.62 20.24 9.32
N ASP A 55 -10.07 21.13 10.14
CA ASP A 55 -8.91 20.79 10.97
C ASP A 55 -9.14 19.81 12.12
N THR A 56 -10.38 19.38 12.32
CA THR A 56 -10.71 18.41 13.36
C THR A 56 -11.92 17.59 12.89
N LEU A 57 -12.06 16.37 13.40
CA LEU A 57 -13.19 15.52 13.03
C LEU A 57 -14.50 16.21 13.40
N ASP A 58 -14.54 16.79 14.59
CA ASP A 58 -15.73 17.49 15.06
C ASP A 58 -16.01 18.74 14.26
N LYS A 59 -15.32 18.89 13.13
CA LYS A 59 -15.53 20.06 12.29
C LYS A 59 -16.45 19.64 11.14
N THR A 60 -16.62 18.32 11.00
CA THR A 60 -17.44 17.77 9.93
C THR A 60 -18.92 18.16 10.01
N PRO A 61 -19.46 18.34 11.22
CA PRO A 61 -20.87 18.72 11.26
C PRO A 61 -21.07 20.06 10.53
N LEU A 62 -20.13 20.97 10.71
CA LEU A 62 -20.22 22.28 10.06
C LEU A 62 -20.17 22.14 8.55
N MET A 63 -19.39 21.16 8.07
CA MET A 63 -19.27 20.92 6.64
C MET A 63 -20.65 20.53 6.09
N GLU A 64 -21.31 19.59 6.77
CA GLU A 64 -22.63 19.13 6.37
C GLU A 64 -23.64 20.28 6.37
N GLN A 65 -23.55 21.16 7.35
CA GLN A 65 -24.47 22.29 7.44
C GLN A 65 -24.24 23.32 6.33
N THR A 66 -22.98 23.61 6.04
CA THR A 66 -22.63 24.56 4.98
C THR A 66 -23.17 24.01 3.66
N LEU A 67 -22.98 22.72 3.42
CA LEU A 67 -23.48 22.06 2.22
C LEU A 67 -25.00 22.07 2.26
N ALA A 68 -25.56 21.96 3.46
CA ALA A 68 -27.00 21.97 3.64
C ALA A 68 -27.52 23.30 3.11
N ASP A 69 -26.83 24.38 3.46
CA ASP A 69 -27.23 25.69 2.99
C ASP A 69 -27.12 25.78 1.47
N ILE A 70 -25.97 25.40 0.92
CA ILE A 70 -25.78 25.49 -0.53
C ILE A 70 -26.89 24.84 -1.34
N ARG A 71 -27.19 23.57 -1.04
CA ARG A 71 -28.25 22.84 -1.73
C ARG A 71 -29.53 23.67 -1.75
N THR A 72 -29.78 24.36 -0.64
CA THR A 72 -30.94 25.21 -0.51
C THR A 72 -30.88 26.35 -1.53
N ALA A 73 -29.83 27.16 -1.44
CA ALA A 73 -29.69 28.27 -2.37
C ALA A 73 -29.75 27.77 -3.82
N ASN A 74 -29.18 26.60 -4.07
CA ASN A 74 -29.18 26.03 -5.42
C ASN A 74 -30.55 25.58 -5.90
N LYS A 75 -31.48 25.35 -4.96
CA LYS A 75 -32.83 24.92 -5.33
C LYS A 75 -33.70 26.13 -5.67
N ASN A 76 -33.23 27.31 -5.28
CA ASN A 76 -33.94 28.54 -5.59
C ASN A 76 -33.15 29.28 -6.64
N GLY A 77 -32.94 28.62 -7.77
CA GLY A 77 -32.19 29.21 -8.86
C GLY A 77 -30.80 29.71 -8.50
N GLY A 78 -29.98 28.81 -7.97
CA GLY A 78 -28.63 29.20 -7.59
C GLY A 78 -27.62 28.15 -8.01
N ASN A 79 -26.40 28.59 -8.30
CA ASN A 79 -25.33 27.67 -8.71
C ASN A 79 -24.08 27.86 -7.85
N TYR A 80 -24.06 27.19 -6.71
CA TYR A 80 -22.94 27.28 -5.80
C TYR A 80 -22.23 25.95 -5.57
N ALA A 81 -20.95 26.05 -5.20
CA ALA A 81 -20.14 24.87 -4.92
C ALA A 81 -19.44 25.06 -3.56
N GLY A 82 -19.11 23.97 -2.88
CA GLY A 82 -18.45 24.07 -1.58
C GLY A 82 -16.93 23.88 -1.64
N GLN A 83 -16.19 24.61 -0.83
CA GLN A 83 -14.74 24.49 -0.81
C GLN A 83 -14.29 24.19 0.61
N PHE A 84 -13.53 23.12 0.78
CA PHE A 84 -13.05 22.75 2.11
C PHE A 84 -11.63 22.26 2.04
N VAL A 85 -10.91 22.40 3.13
CA VAL A 85 -9.54 21.92 3.20
C VAL A 85 -9.53 20.68 4.11
N VAL A 86 -8.92 19.60 3.63
CA VAL A 86 -8.79 18.37 4.39
C VAL A 86 -7.42 18.47 5.07
N TYR A 87 -7.43 18.63 6.40
CA TYR A 87 -6.21 18.84 7.18
C TYR A 87 -6.24 18.24 8.58
N ASP A 88 -5.99 16.94 8.70
CA ASP A 88 -6.04 16.31 10.02
C ASP A 88 -5.16 15.06 10.07
N LEU A 89 -4.12 15.07 9.25
CA LEU A 89 -3.17 13.98 9.14
C LEU A 89 -2.53 13.67 10.50
N PRO A 90 -2.23 12.37 10.77
CA PRO A 90 -1.61 11.98 12.04
C PRO A 90 -0.20 12.60 12.11
N ASP A 91 0.15 13.21 13.23
CA ASP A 91 1.47 13.86 13.37
C ASP A 91 1.56 14.93 12.29
N ARG A 92 0.53 15.75 12.24
CA ARG A 92 0.39 16.84 11.28
C ARG A 92 1.49 17.90 11.47
N ASP A 93 1.79 18.63 10.40
CA ASP A 93 2.78 19.71 10.46
C ASP A 93 4.07 19.20 11.12
N CYS A 94 4.67 18.17 10.53
CA CYS A 94 5.85 17.56 11.12
C CYS A 94 7.10 18.44 11.23
N ALA A 95 7.20 19.46 10.40
CA ALA A 95 8.38 20.33 10.43
C ALA A 95 8.25 21.54 11.33
N ALA A 96 7.08 21.72 11.96
CA ALA A 96 6.86 22.85 12.84
C ALA A 96 6.17 22.39 14.11
N LEU A 97 5.88 23.34 15.01
CA LEU A 97 5.23 23.01 16.28
C LEU A 97 3.86 23.67 16.49
N ALA A 98 3.64 24.80 15.82
CA ALA A 98 2.41 25.57 15.93
C ALA A 98 1.08 24.90 15.64
N SER A 99 1.03 24.04 14.61
CA SER A 99 -0.23 23.41 14.27
C SER A 99 -0.36 21.94 14.60
N ASN A 100 0.22 21.51 15.71
CA ASN A 100 0.14 20.12 16.12
C ASN A 100 -1.36 19.73 16.12
N GLY A 101 -1.66 18.52 15.65
CA GLY A 101 -3.03 18.07 15.56
C GLY A 101 -3.57 17.11 16.61
N GLU A 102 -4.79 16.65 16.38
CA GLU A 102 -5.46 15.76 17.32
C GLU A 102 -5.11 14.28 17.17
N TYR A 103 -4.45 13.90 16.08
CA TYR A 103 -4.10 12.49 15.90
C TYR A 103 -2.60 12.24 15.84
N SER A 104 -2.15 11.17 16.50
CA SER A 104 -0.74 10.84 16.49
C SER A 104 -0.56 9.38 16.05
N ILE A 105 0.43 9.16 15.18
CA ILE A 105 0.71 7.83 14.66
C ILE A 105 0.84 6.79 15.78
N ALA A 106 1.57 7.13 16.84
CA ALA A 106 1.77 6.22 17.95
C ALA A 106 0.44 5.82 18.63
N ASP A 107 -0.46 6.77 18.78
CA ASP A 107 -1.74 6.49 19.43
C ASP A 107 -2.85 6.14 18.44
N GLY A 108 -2.57 5.16 17.58
CA GLY A 108 -3.54 4.72 16.58
C GLY A 108 -4.03 5.80 15.62
N GLY A 109 -3.10 6.63 15.14
CA GLY A 109 -3.46 7.72 14.25
C GLY A 109 -3.93 7.42 12.84
N VAL A 110 -3.35 6.40 12.21
CA VAL A 110 -3.73 6.03 10.87
C VAL A 110 -5.19 5.53 10.84
N ALA A 111 -5.57 4.72 11.82
CA ALA A 111 -6.95 4.21 11.85
C ALA A 111 -7.93 5.34 12.11
N LYS A 112 -7.50 6.30 12.91
CA LYS A 112 -8.37 7.42 13.21
C LYS A 112 -8.54 8.31 11.97
N TYR A 113 -7.50 8.40 11.13
CA TYR A 113 -7.58 9.24 9.94
C TYR A 113 -8.52 8.56 8.94
N LYS A 114 -8.49 7.24 8.89
CA LYS A 114 -9.35 6.52 7.97
C LYS A 114 -10.81 6.74 8.32
N ASN A 115 -11.10 6.91 9.61
CA ASN A 115 -12.48 7.16 10.06
C ASN A 115 -12.83 8.61 9.72
N TYR A 116 -11.82 9.46 9.86
CA TYR A 116 -11.96 10.87 9.56
C TYR A 116 -12.35 11.01 8.09
N ILE A 117 -11.66 10.29 7.20
CA ILE A 117 -11.99 10.37 5.77
C ILE A 117 -13.32 9.69 5.46
N ASP A 118 -13.59 8.55 6.09
CA ASP A 118 -14.87 7.84 5.89
C ASP A 118 -16.01 8.84 6.12
N THR A 119 -15.98 9.48 7.29
CA THR A 119 -16.98 10.47 7.68
C THR A 119 -17.23 11.52 6.59
N ILE A 120 -16.15 12.15 6.12
CA ILE A 120 -16.21 13.15 5.06
C ILE A 120 -16.81 12.58 3.78
N ARG A 121 -16.38 11.38 3.42
CA ARG A 121 -16.89 10.73 2.22
C ARG A 121 -18.41 10.58 2.30
N GLN A 122 -18.90 10.18 3.47
CA GLN A 122 -20.33 9.98 3.68
C GLN A 122 -21.10 11.28 3.46
N ILE A 123 -20.43 12.40 3.65
CA ILE A 123 -21.06 13.70 3.49
C ILE A 123 -21.09 14.13 2.03
N VAL A 124 -20.02 13.86 1.29
CA VAL A 124 -19.99 14.20 -0.12
C VAL A 124 -20.93 13.25 -0.84
N VAL A 125 -21.04 12.03 -0.31
CA VAL A 125 -21.94 11.04 -0.88
C VAL A 125 -23.36 11.53 -0.67
N GLU A 126 -23.71 11.85 0.56
CA GLU A 126 -25.05 12.34 0.87
C GLU A 126 -25.45 13.55 0.00
N TYR A 127 -24.50 14.44 -0.26
CA TYR A 127 -24.79 15.63 -1.06
C TYR A 127 -24.12 15.56 -2.43
N SER A 128 -24.24 14.43 -3.10
CA SER A 128 -23.64 14.27 -4.42
C SER A 128 -24.19 15.24 -5.46
N ASP A 129 -25.18 16.04 -5.06
CA ASP A 129 -25.79 17.01 -5.98
C ASP A 129 -25.05 18.34 -5.93
N ILE A 130 -23.88 18.35 -5.29
CA ILE A 130 -23.13 19.59 -5.19
C ILE A 130 -21.65 19.42 -5.47
N ARG A 131 -21.15 20.28 -6.35
CA ARG A 131 -19.75 20.27 -6.72
C ARG A 131 -18.96 20.60 -5.46
N THR A 132 -18.08 19.70 -5.06
CA THR A 132 -17.27 19.92 -3.86
C THR A 132 -15.80 20.01 -4.22
N LEU A 133 -15.21 21.17 -4.02
CA LEU A 133 -13.80 21.41 -4.35
C LEU A 133 -12.95 21.20 -3.10
N LEU A 134 -11.92 20.36 -3.20
CA LEU A 134 -11.09 20.05 -2.05
C LEU A 134 -9.58 20.26 -2.21
N VAL A 135 -8.95 20.78 -1.16
CA VAL A 135 -7.49 20.95 -1.15
C VAL A 135 -7.08 19.85 -0.16
N ILE A 136 -6.16 18.98 -0.55
CA ILE A 136 -5.73 17.85 0.31
C ILE A 136 -4.42 18.04 1.09
N GLU A 137 -4.54 18.06 2.41
CA GLU A 137 -3.43 18.17 3.37
C GLU A 137 -2.27 19.16 3.12
N PRO A 138 -2.49 20.46 3.39
CA PRO A 138 -1.39 21.39 3.17
C PRO A 138 -0.19 20.97 4.01
N ALA A 139 1.00 21.38 3.58
CA ALA A 139 2.21 21.10 4.31
C ALA A 139 2.38 19.66 4.75
N SER A 140 2.35 18.73 3.82
CA SER A 140 2.56 17.34 4.18
C SER A 140 3.57 16.71 3.21
N LEU A 141 3.18 16.53 1.96
CA LEU A 141 4.08 15.95 0.97
C LEU A 141 5.27 16.88 0.78
N ALA A 142 5.03 18.17 0.87
CA ALA A 142 6.10 19.14 0.73
C ALA A 142 7.17 18.90 1.80
N ASN A 143 6.77 18.46 2.98
CA ASN A 143 7.73 18.20 4.03
C ASN A 143 8.59 16.96 3.73
N LEU A 144 8.00 15.99 3.05
CA LEU A 144 8.74 14.78 2.71
C LEU A 144 9.85 15.10 1.74
N VAL A 145 9.66 16.15 0.95
CA VAL A 145 10.68 16.52 -0.02
C VAL A 145 11.88 17.19 0.64
N THR A 146 11.63 18.18 1.47
CA THR A 146 12.72 18.93 2.09
C THR A 146 13.07 18.69 3.56
N ASN A 147 12.22 18.00 4.31
CA ASN A 147 12.52 17.84 5.74
C ASN A 147 12.65 16.42 6.29
N LEU A 148 13.22 15.52 5.49
CA LEU A 148 13.40 14.15 5.97
C LEU A 148 14.45 14.18 7.08
N GLY A 149 15.12 15.33 7.18
CA GLY A 149 16.14 15.52 8.20
C GLY A 149 15.53 15.72 9.58
N THR A 150 14.21 15.88 9.63
CA THR A 150 13.53 16.05 10.90
C THR A 150 12.87 14.70 11.22
N PRO A 151 13.29 14.05 12.31
CA PRO A 151 12.78 12.75 12.76
C PRO A 151 11.27 12.57 12.71
N LYS A 152 10.53 13.60 13.11
CA LYS A 152 9.09 13.48 13.10
C LYS A 152 8.56 13.30 11.69
N CYS A 153 9.19 13.94 10.71
CA CYS A 153 8.74 13.81 9.33
C CYS A 153 9.12 12.47 8.70
N ALA A 154 10.38 12.07 8.90
CA ALA A 154 10.90 10.81 8.36
C ALA A 154 10.14 9.61 8.91
N ASN A 155 9.84 9.65 10.22
CA ASN A 155 9.12 8.56 10.85
C ASN A 155 7.65 8.56 10.50
N ALA A 156 7.17 9.66 9.91
CA ALA A 156 5.78 9.77 9.52
C ALA A 156 5.59 9.52 8.03
N GLN A 157 6.68 9.33 7.31
CA GLN A 157 6.61 9.11 5.86
C GLN A 157 5.63 8.01 5.43
N SER A 158 5.73 6.85 6.06
CA SER A 158 4.85 5.74 5.75
C SER A 158 3.37 6.08 5.96
N ALA A 159 3.05 6.67 7.11
CA ALA A 159 1.67 7.03 7.44
C ALA A 159 1.10 8.08 6.47
N TYR A 160 1.87 9.12 6.20
CA TYR A 160 1.42 10.17 5.28
C TYR A 160 0.99 9.57 3.97
N LEU A 161 1.89 8.79 3.36
CA LEU A 161 1.63 8.15 2.09
C LEU A 161 0.39 7.27 2.16
N GLU A 162 0.38 6.34 3.11
CA GLU A 162 -0.77 5.46 3.26
C GLU A 162 -2.04 6.29 3.37
N CYS A 163 -2.05 7.24 4.31
CA CYS A 163 -3.19 8.12 4.56
C CYS A 163 -3.66 8.94 3.36
N ILE A 164 -2.73 9.62 2.70
CA ILE A 164 -3.09 10.42 1.54
C ILE A 164 -3.67 9.53 0.44
N ASN A 165 -3.12 8.33 0.28
CA ASN A 165 -3.65 7.42 -0.74
C ASN A 165 -5.08 7.00 -0.37
N TYR A 166 -5.35 6.86 0.92
CA TYR A 166 -6.71 6.47 1.35
C TYR A 166 -7.66 7.64 1.10
N ALA A 167 -7.16 8.85 1.27
CA ALA A 167 -7.96 10.04 1.08
C ALA A 167 -8.31 10.27 -0.39
N VAL A 168 -7.30 10.28 -1.24
CA VAL A 168 -7.49 10.51 -2.67
C VAL A 168 -8.32 9.44 -3.36
N THR A 169 -8.28 8.22 -2.86
CA THR A 169 -9.06 7.15 -3.49
C THR A 169 -10.46 7.09 -2.90
N GLN A 170 -10.57 7.30 -1.58
CA GLN A 170 -11.86 7.25 -0.92
C GLN A 170 -12.75 8.44 -1.24
N LEU A 171 -12.15 9.54 -1.68
CA LEU A 171 -12.91 10.73 -2.02
C LEU A 171 -12.99 10.90 -3.54
N ASN A 172 -12.55 9.88 -4.28
CA ASN A 172 -12.57 9.93 -5.73
C ASN A 172 -14.00 9.69 -6.21
N LEU A 173 -14.76 10.78 -6.26
CA LEU A 173 -16.16 10.72 -6.66
C LEU A 173 -16.45 11.73 -7.79
N PRO A 174 -17.54 11.49 -8.53
CA PRO A 174 -17.95 12.34 -9.65
C PRO A 174 -18.22 13.82 -9.37
N ASN A 175 -18.63 14.16 -8.16
CA ASN A 175 -18.89 15.56 -7.87
C ASN A 175 -17.71 16.19 -7.13
N VAL A 176 -16.60 15.45 -7.06
CA VAL A 176 -15.41 15.92 -6.37
C VAL A 176 -14.24 16.34 -7.24
N ALA A 177 -13.57 17.41 -6.83
CA ALA A 177 -12.41 17.93 -7.53
C ALA A 177 -11.33 18.15 -6.46
N MET A 178 -10.29 17.32 -6.49
CA MET A 178 -9.22 17.47 -5.51
C MET A 178 -7.96 18.10 -6.08
N TYR A 179 -7.27 18.81 -5.20
CA TYR A 179 -6.00 19.45 -5.54
C TYR A 179 -5.04 19.15 -4.40
N LEU A 180 -3.99 18.39 -4.69
CA LEU A 180 -2.99 18.04 -3.69
C LEU A 180 -2.09 19.26 -3.42
N ASP A 181 -1.92 19.61 -2.15
CA ASP A 181 -1.07 20.75 -1.80
C ASP A 181 0.37 20.54 -2.24
N ALA A 182 1.00 21.58 -2.78
CA ALA A 182 2.36 21.45 -3.25
C ALA A 182 3.29 22.59 -2.79
N GLY A 183 3.06 23.08 -1.58
CA GLY A 183 3.91 24.14 -1.07
C GLY A 183 3.82 25.42 -1.87
N HIS A 184 4.98 25.97 -2.26
CA HIS A 184 5.01 27.20 -3.04
C HIS A 184 6.41 27.51 -3.58
N ALA A 185 6.50 28.60 -4.34
CA ALA A 185 7.77 29.04 -4.96
C ALA A 185 8.99 29.04 -4.04
N GLY A 186 8.84 29.57 -2.84
CA GLY A 186 9.97 29.61 -1.92
C GLY A 186 10.31 28.28 -1.28
N TRP A 187 9.39 27.32 -1.36
CA TRP A 187 9.58 26.00 -0.78
C TRP A 187 10.20 25.00 -1.78
N LEU A 188 9.45 24.63 -2.81
CA LEU A 188 9.90 23.68 -3.81
C LEU A 188 10.23 24.30 -5.16
N GLY A 189 10.14 25.63 -5.26
CA GLY A 189 10.43 26.32 -6.50
C GLY A 189 11.92 26.30 -6.81
N TRP A 190 12.73 26.10 -5.79
CA TRP A 190 14.18 26.03 -5.97
C TRP A 190 14.48 24.92 -6.97
N PRO A 191 15.47 25.15 -7.84
CA PRO A 191 15.88 24.18 -8.88
C PRO A 191 16.10 22.75 -8.38
N ALA A 192 16.92 22.59 -7.35
CA ALA A 192 17.26 21.28 -6.80
C ALA A 192 16.11 20.55 -6.09
N ASN A 193 15.00 21.24 -5.86
CA ASN A 193 13.85 20.65 -5.19
C ASN A 193 12.76 20.28 -6.19
N GLN A 194 12.83 20.90 -7.36
CA GLN A 194 11.84 20.70 -8.41
C GLN A 194 11.55 19.28 -8.88
N ASP A 195 12.54 18.64 -9.48
CA ASP A 195 12.34 17.28 -9.98
C ASP A 195 11.88 16.33 -8.88
N PRO A 196 12.55 16.35 -7.72
CA PRO A 196 12.14 15.46 -6.62
C PRO A 196 10.67 15.62 -6.22
N ALA A 197 10.17 16.86 -6.23
CA ALA A 197 8.79 17.08 -5.88
C ALA A 197 7.92 16.48 -6.97
N ALA A 198 8.24 16.78 -8.22
CA ALA A 198 7.50 16.25 -9.35
C ALA A 198 7.36 14.72 -9.23
N GLN A 199 8.47 14.04 -8.96
CA GLN A 199 8.43 12.58 -8.84
C GLN A 199 7.47 12.16 -7.71
N LEU A 200 7.52 12.88 -6.60
CA LEU A 200 6.68 12.58 -5.45
C LEU A 200 5.17 12.70 -5.73
N PHE A 201 4.74 13.79 -6.37
CA PHE A 201 3.32 13.93 -6.65
C PHE A 201 2.91 12.96 -7.74
N ALA A 202 3.76 12.77 -8.74
CA ALA A 202 3.45 11.83 -9.81
C ALA A 202 3.24 10.44 -9.21
N ASN A 203 4.10 10.08 -8.27
CA ASN A 203 3.98 8.77 -7.63
C ASN A 203 2.70 8.61 -6.82
N VAL A 204 2.33 9.65 -6.08
CA VAL A 204 1.11 9.63 -5.29
C VAL A 204 -0.10 9.42 -6.22
N TYR A 205 -0.11 10.15 -7.31
CA TYR A 205 -1.16 10.09 -8.32
C TYR A 205 -1.29 8.70 -8.96
N LYS A 206 -0.18 8.20 -9.51
CA LYS A 206 -0.18 6.89 -10.15
C LYS A 206 -0.47 5.77 -9.16
N ASN A 207 0.10 5.85 -7.97
CA ASN A 207 -0.12 4.83 -6.96
C ASN A 207 -1.59 4.75 -6.55
N ALA A 208 -2.33 5.83 -6.79
CA ALA A 208 -3.74 5.86 -6.47
C ALA A 208 -4.55 5.47 -7.71
N SER A 209 -3.85 4.94 -8.70
CA SER A 209 -4.47 4.50 -9.96
C SER A 209 -5.07 5.62 -10.79
N SER A 210 -4.36 6.75 -10.85
CA SER A 210 -4.78 7.90 -11.63
C SER A 210 -6.23 8.26 -11.48
N PRO A 211 -6.66 8.58 -10.25
CA PRO A 211 -8.04 8.95 -9.94
C PRO A 211 -8.55 10.14 -10.77
N ARG A 212 -9.76 10.03 -11.29
CA ARG A 212 -10.33 11.09 -12.11
C ARG A 212 -10.56 12.40 -11.37
N ALA A 213 -11.03 12.33 -10.12
CA ALA A 213 -11.31 13.53 -9.33
C ALA A 213 -10.08 14.36 -8.97
N LEU A 214 -8.89 13.77 -9.09
CA LEU A 214 -7.64 14.47 -8.78
C LEU A 214 -7.18 15.33 -9.94
N ARG A 215 -7.63 16.58 -9.97
CA ARG A 215 -7.35 17.51 -11.06
C ARG A 215 -5.98 18.20 -11.03
N GLY A 216 -5.28 18.16 -9.89
CA GLY A 216 -3.98 18.80 -9.85
C GLY A 216 -3.40 19.18 -8.50
N LEU A 217 -2.59 20.25 -8.50
CA LEU A 217 -1.96 20.73 -7.28
C LEU A 217 -2.35 22.14 -6.88
N ALA A 218 -2.27 22.41 -5.59
CA ALA A 218 -2.58 23.70 -5.02
C ALA A 218 -1.28 24.30 -4.51
N THR A 219 -1.01 25.55 -4.85
CA THR A 219 0.22 26.22 -4.41
C THR A 219 -0.06 27.45 -3.51
N ASN A 220 0.97 27.87 -2.78
CA ASN A 220 0.92 29.04 -1.89
C ASN A 220 -0.12 29.01 -0.76
N VAL A 221 -0.69 27.85 -0.47
CA VAL A 221 -1.68 27.74 0.62
C VAL A 221 -1.12 28.21 1.97
N ALA A 222 -1.75 29.24 2.52
CA ALA A 222 -1.36 29.87 3.78
C ALA A 222 -0.05 30.65 3.67
N ASN A 223 0.41 30.90 2.45
CA ASN A 223 1.64 31.67 2.32
C ASN A 223 1.38 33.00 1.59
N TYR A 224 2.44 33.73 1.24
CA TYR A 224 2.26 35.05 0.65
C TYR A 224 2.95 35.38 -0.68
N ASN A 225 3.51 34.39 -1.34
CA ASN A 225 4.15 34.67 -2.62
C ASN A 225 3.17 35.36 -3.54
N GLY A 226 3.69 36.23 -4.41
CA GLY A 226 2.83 36.93 -5.35
C GLY A 226 2.56 35.99 -6.52
N TRP A 227 1.54 36.27 -7.32
CA TRP A 227 1.20 35.45 -8.48
C TRP A 227 2.11 35.74 -9.68
N ASN A 228 2.01 36.95 -10.23
CA ASN A 228 2.82 37.30 -11.38
C ASN A 228 3.57 38.62 -11.27
N ILE A 229 4.02 38.98 -10.07
CA ILE A 229 4.77 40.23 -9.93
C ILE A 229 5.94 40.20 -10.89
N THR A 230 6.22 41.34 -11.50
CA THR A 230 7.31 41.45 -12.46
C THR A 230 8.60 41.91 -11.80
N SER A 231 8.52 42.22 -10.51
CA SER A 231 9.70 42.67 -9.77
C SER A 231 10.05 41.65 -8.67
N PRO A 232 11.20 40.96 -8.81
CA PRO A 232 11.56 39.98 -7.79
C PRO A 232 11.82 40.63 -6.44
N PRO A 233 11.10 40.18 -5.40
CA PRO A 233 11.31 40.77 -4.07
C PRO A 233 12.72 40.48 -3.59
N SER A 234 13.22 41.31 -2.68
CA SER A 234 14.57 41.13 -2.16
C SER A 234 14.82 39.77 -1.51
N TYR A 235 13.88 39.28 -0.71
CA TYR A 235 14.07 38.00 -0.03
C TYR A 235 14.11 36.77 -0.93
N THR A 236 13.75 36.92 -2.20
CA THR A 236 13.78 35.79 -3.11
C THR A 236 15.11 35.65 -3.82
N GLN A 237 16.08 36.48 -3.44
CA GLN A 237 17.41 36.47 -4.04
C GLN A 237 18.03 35.08 -4.04
N GLY A 238 18.37 34.61 -5.24
CA GLY A 238 18.98 33.29 -5.39
C GLY A 238 18.10 32.27 -6.10
N ASN A 239 16.84 32.62 -6.33
CA ASN A 239 15.90 31.73 -6.97
C ASN A 239 15.25 32.44 -8.15
N ALA A 240 15.30 31.82 -9.32
CA ALA A 240 14.70 32.41 -10.52
C ALA A 240 13.19 32.21 -10.54
N VAL A 241 12.70 31.35 -9.65
CA VAL A 241 11.26 31.09 -9.52
C VAL A 241 10.82 31.86 -8.27
N TYR A 242 10.51 33.14 -8.46
CA TYR A 242 10.15 33.99 -7.33
C TYR A 242 8.68 34.39 -7.25
N ASN A 243 7.82 33.73 -8.02
CA ASN A 243 6.40 34.01 -7.96
C ASN A 243 5.68 32.71 -8.31
N GLU A 244 4.38 32.62 -8.03
CA GLU A 244 3.65 31.39 -8.28
C GLU A 244 3.47 30.98 -9.75
N LYS A 245 3.35 31.97 -10.64
CA LYS A 245 3.21 31.66 -12.06
C LYS A 245 4.45 30.89 -12.51
N LEU A 246 5.63 31.46 -12.26
CA LEU A 246 6.87 30.81 -12.65
C LEU A 246 6.99 29.43 -12.00
N TYR A 247 6.45 29.30 -10.79
CA TYR A 247 6.50 28.00 -10.11
C TYR A 247 5.63 26.92 -10.77
N ILE A 248 4.38 27.23 -11.12
CA ILE A 248 3.56 26.17 -11.72
C ILE A 248 3.95 25.85 -13.17
N HIS A 249 4.50 26.83 -13.89
CA HIS A 249 4.90 26.59 -15.27
C HIS A 249 6.21 25.83 -15.29
N ALA A 250 6.88 25.80 -14.15
CA ALA A 250 8.15 25.08 -14.05
C ALA A 250 7.89 23.65 -13.60
N ILE A 251 6.91 23.45 -12.73
CA ILE A 251 6.63 22.11 -12.22
C ILE A 251 5.65 21.30 -13.09
N GLY A 252 4.80 22.01 -13.83
CA GLY A 252 3.84 21.35 -14.70
C GLY A 252 4.47 20.38 -15.67
N PRO A 253 5.37 20.85 -16.54
CA PRO A 253 5.98 19.92 -17.49
C PRO A 253 6.74 18.77 -16.83
N LEU A 254 7.18 18.96 -15.59
CA LEU A 254 7.91 17.92 -14.87
C LEU A 254 6.99 16.82 -14.35
N LEU A 255 5.75 17.17 -14.04
CA LEU A 255 4.78 16.18 -13.54
C LEU A 255 4.46 15.27 -14.73
N ALA A 256 4.38 15.87 -15.90
CA ALA A 256 4.09 15.16 -17.14
C ALA A 256 5.21 14.18 -17.45
N ASN A 257 6.44 14.61 -17.21
CA ASN A 257 7.59 13.76 -17.43
C ASN A 257 7.52 12.51 -16.58
N HIS A 258 7.00 12.61 -15.37
CA HIS A 258 6.93 11.45 -14.48
C HIS A 258 5.62 10.67 -14.39
N GLY A 259 4.76 10.82 -15.37
CA GLY A 259 3.51 10.06 -15.35
C GLY A 259 2.23 10.78 -15.06
N TRP A 260 2.25 12.11 -15.04
CA TRP A 260 1.03 12.86 -14.76
C TRP A 260 0.78 13.97 -15.77
N SER A 261 -0.07 13.70 -16.75
CA SER A 261 -0.39 14.71 -17.75
C SER A 261 -1.69 15.40 -17.42
N ASN A 262 -1.85 16.61 -17.96
CA ASN A 262 -3.06 17.37 -17.73
C ASN A 262 -3.29 17.68 -16.25
N ALA A 263 -2.24 18.13 -15.60
CA ALA A 263 -2.33 18.50 -14.19
C ALA A 263 -2.54 20.00 -14.19
N PHE A 264 -3.50 20.48 -13.42
CA PHE A 264 -3.75 21.91 -13.34
C PHE A 264 -3.54 22.44 -11.94
N PHE A 265 -3.56 23.76 -11.80
CA PHE A 265 -3.32 24.37 -10.50
C PHE A 265 -4.32 25.43 -10.05
N ILE A 266 -4.36 25.64 -8.74
CA ILE A 266 -5.15 26.69 -8.13
C ILE A 266 -4.13 27.33 -7.19
N THR A 267 -4.16 28.65 -7.07
CA THR A 267 -3.19 29.33 -6.21
C THR A 267 -3.85 30.24 -5.19
N ASP A 268 -3.37 30.16 -3.96
CA ASP A 268 -3.89 30.97 -2.86
C ASP A 268 -3.30 32.38 -2.94
N GLN A 269 -4.18 33.38 -2.97
CA GLN A 269 -3.78 34.78 -3.03
C GLN A 269 -4.42 35.61 -1.90
N GLY A 270 -5.03 34.94 -0.94
CA GLY A 270 -5.68 35.61 0.17
C GLY A 270 -4.83 36.55 1.02
N ARG A 271 -3.51 36.40 0.98
CA ARG A 271 -2.66 37.29 1.76
C ARG A 271 -1.47 37.73 0.91
N SER A 272 -1.71 37.87 -0.39
CA SER A 272 -0.67 38.23 -1.34
C SER A 272 -0.76 39.66 -1.89
N GLY A 273 -1.90 40.31 -1.69
CA GLY A 273 -2.12 41.65 -2.20
C GLY A 273 -1.01 42.70 -2.13
N LYS A 274 -0.19 42.64 -1.10
CA LYS A 274 0.90 43.61 -0.93
C LYS A 274 2.25 42.98 -1.22
N GLN A 275 2.91 43.50 -2.24
CA GLN A 275 4.20 43.00 -2.68
C GLN A 275 5.20 44.15 -2.85
N PRO A 276 6.41 44.01 -2.27
CA PRO A 276 6.81 42.84 -1.48
C PRO A 276 6.16 42.86 -0.11
N THR A 277 6.41 41.81 0.67
CA THR A 277 5.85 41.71 2.02
C THR A 277 6.90 42.22 3.00
N GLY A 278 6.56 42.19 4.28
CA GLY A 278 7.51 42.62 5.29
C GLY A 278 8.36 41.46 5.78
N GLN A 279 8.39 40.37 5.01
CA GLN A 279 9.18 39.22 5.39
C GLN A 279 10.65 39.62 5.41
N GLN A 280 11.32 39.38 6.54
CA GLN A 280 12.74 39.72 6.62
C GLN A 280 13.47 38.66 5.84
N GLN A 281 12.95 37.44 5.92
CA GLN A 281 13.51 36.29 5.22
C GLN A 281 12.36 35.60 4.48
N TRP A 282 12.69 34.85 3.44
CA TRP A 282 11.65 34.15 2.67
C TRP A 282 11.11 32.95 3.44
N GLY A 283 11.88 32.45 4.39
CA GLY A 283 11.46 31.28 5.15
C GLY A 283 10.58 31.57 6.35
N ASP A 284 10.24 32.84 6.57
CA ASP A 284 9.41 33.21 7.70
C ASP A 284 7.95 33.12 7.28
N TRP A 285 7.20 32.26 7.95
CA TRP A 285 5.80 32.02 7.60
C TRP A 285 4.74 32.48 8.58
N CYS A 286 5.13 32.80 9.82
CA CYS A 286 4.17 33.17 10.84
C CYS A 286 3.66 34.61 10.92
N ASN A 287 2.36 34.78 10.71
CA ASN A 287 1.70 36.09 10.76
C ASN A 287 2.56 37.25 10.25
N VAL A 288 3.13 37.11 9.05
CA VAL A 288 3.98 38.15 8.45
C VAL A 288 3.35 39.54 8.44
N ILE A 289 4.15 40.57 8.74
CA ILE A 289 3.66 41.94 8.76
C ILE A 289 3.65 42.51 7.33
N GLY A 290 2.94 43.62 7.12
CA GLY A 290 2.90 44.22 5.81
C GLY A 290 2.27 43.37 4.70
N THR A 291 1.13 42.75 5.00
CA THR A 291 0.43 41.92 4.02
C THR A 291 -1.03 42.34 3.92
N GLY A 292 -1.60 42.20 2.73
CA GLY A 292 -2.99 42.57 2.55
C GLY A 292 -3.78 41.59 1.71
N PHE A 293 -5.10 41.71 1.71
CA PHE A 293 -5.90 40.82 0.88
C PHE A 293 -5.45 41.04 -0.56
N GLY A 294 -5.39 39.97 -1.33
CA GLY A 294 -4.93 40.10 -2.71
C GLY A 294 -5.96 39.81 -3.78
N ILE A 295 -5.49 39.32 -4.92
CA ILE A 295 -6.34 39.00 -6.05
C ILE A 295 -7.57 38.21 -5.59
N ARG A 296 -8.76 38.66 -6.00
CA ARG A 296 -10.00 38.00 -5.61
C ARG A 296 -10.24 36.71 -6.39
N PRO A 297 -10.93 35.74 -5.77
CA PRO A 297 -11.25 34.45 -6.39
C PRO A 297 -11.93 34.53 -7.76
N SER A 298 -11.39 33.80 -8.73
CA SER A 298 -11.97 33.75 -10.07
C SER A 298 -11.25 32.76 -10.97
N ALA A 299 -11.99 32.22 -11.94
CA ALA A 299 -11.44 31.25 -12.89
C ALA A 299 -10.92 31.88 -14.20
N ASN A 300 -11.10 33.19 -14.35
CA ASN A 300 -10.61 33.90 -15.54
C ASN A 300 -9.19 34.28 -15.18
N THR A 301 -8.30 33.30 -15.19
CA THR A 301 -6.91 33.55 -14.79
C THR A 301 -5.93 34.10 -15.83
N GLY A 302 -6.25 33.94 -17.10
CA GLY A 302 -5.36 34.42 -18.14
C GLY A 302 -4.12 33.55 -18.24
N ASP A 303 -4.22 32.34 -17.68
CA ASP A 303 -3.11 31.38 -17.63
C ASP A 303 -3.55 30.00 -18.14
N SER A 304 -2.66 29.32 -18.85
CA SER A 304 -2.97 28.00 -19.39
C SER A 304 -3.03 26.88 -18.34
N LEU A 305 -2.34 27.06 -17.22
CA LEU A 305 -2.31 26.04 -16.19
C LEU A 305 -3.14 26.31 -14.93
N LEU A 306 -3.56 27.55 -14.74
CA LEU A 306 -4.31 27.89 -13.53
C LEU A 306 -5.82 27.86 -13.68
N ASP A 307 -6.46 26.87 -13.05
CA ASP A 307 -7.91 26.75 -13.11
C ASP A 307 -8.57 27.93 -12.41
N SER A 308 -7.98 28.40 -11.32
CA SER A 308 -8.56 29.52 -10.61
C SER A 308 -7.71 30.14 -9.51
N PHE A 309 -7.98 31.41 -9.26
CA PHE A 309 -7.32 32.12 -8.16
C PHE A 309 -8.22 31.70 -6.99
N VAL A 310 -7.64 31.50 -5.81
CA VAL A 310 -8.45 31.13 -4.64
C VAL A 310 -7.93 31.77 -3.38
N TRP A 311 -8.75 31.71 -2.34
CA TRP A 311 -8.40 32.23 -1.02
C TRP A 311 -8.55 31.02 -0.10
N VAL A 312 -7.46 30.30 0.14
CA VAL A 312 -7.56 29.11 0.98
C VAL A 312 -7.45 29.39 2.47
N LYS A 313 -6.41 30.13 2.86
CA LYS A 313 -6.19 30.49 4.25
C LYS A 313 -6.98 31.78 4.52
N PRO A 314 -8.01 31.72 5.41
CA PRO A 314 -8.85 32.87 5.75
C PRO A 314 -8.12 33.93 6.56
N GLY A 315 -7.79 35.04 5.90
CA GLY A 315 -7.09 36.13 6.57
C GLY A 315 -7.77 36.52 7.87
N GLY A 316 -6.99 36.67 8.92
CA GLY A 316 -7.55 37.02 10.22
C GLY A 316 -7.44 35.84 11.18
N GLU A 317 -7.40 34.63 10.65
CA GLU A 317 -7.26 33.43 11.48
C GLU A 317 -5.75 33.21 11.71
N CYS A 318 -5.32 33.45 12.94
CA CYS A 318 -3.92 33.32 13.32
C CYS A 318 -3.20 32.09 12.79
N ASP A 319 -1.87 32.19 12.66
CA ASP A 319 -1.05 31.08 12.20
C ASP A 319 -0.33 30.39 13.37
N GLY A 320 -0.37 31.02 14.54
CA GLY A 320 0.30 30.43 15.70
C GLY A 320 0.56 31.46 16.78
N THR A 321 0.67 30.99 18.02
CA THR A 321 0.91 31.88 19.15
C THR A 321 2.34 32.41 19.22
N SER A 322 2.49 33.57 19.85
CA SER A 322 3.81 34.19 20.03
C SER A 322 4.04 34.26 21.54
N ASP A 323 3.22 33.52 22.29
CA ASP A 323 3.33 33.49 23.75
C ASP A 323 4.22 32.32 24.16
N SER A 324 5.50 32.61 24.34
CA SER A 324 6.49 31.61 24.72
C SER A 324 6.01 30.62 25.77
N SER A 325 5.18 31.08 26.70
CA SER A 325 4.67 30.21 27.76
C SER A 325 3.51 29.31 27.33
N ALA A 326 2.76 29.76 26.33
CA ALA A 326 1.61 29.02 25.83
C ALA A 326 2.02 27.74 25.10
N PRO A 327 1.06 26.80 24.94
CA PRO A 327 1.35 25.54 24.25
C PRO A 327 1.52 25.80 22.75
N ARG A 328 2.20 24.87 22.08
CA ARG A 328 2.42 24.96 20.64
C ARG A 328 3.12 26.25 20.22
N PHE A 329 4.19 26.60 20.92
CA PHE A 329 4.93 27.81 20.60
C PHE A 329 6.02 27.56 19.57
N ASP A 330 5.89 28.18 18.41
CA ASP A 330 6.89 28.04 17.38
C ASP A 330 7.66 29.35 17.35
N SER A 331 8.97 29.29 17.54
CA SER A 331 9.81 30.49 17.57
C SER A 331 9.61 31.39 16.34
N HIS A 332 9.14 30.82 15.23
CA HIS A 332 8.92 31.63 14.03
C HIS A 332 7.91 32.74 14.25
N CYS A 333 7.03 32.53 15.23
CA CYS A 333 5.97 33.49 15.53
C CYS A 333 6.36 34.59 16.52
N ALA A 334 7.65 34.69 16.83
CA ALA A 334 8.13 35.72 17.74
C ALA A 334 9.19 36.53 17.02
N LEU A 335 9.36 36.25 15.73
CA LEU A 335 10.33 36.93 14.89
C LEU A 335 9.86 38.34 14.57
N PRO A 336 10.82 39.27 14.35
CA PRO A 336 10.57 40.69 14.02
C PRO A 336 9.53 40.94 12.91
N ASP A 337 9.49 40.06 11.91
CA ASP A 337 8.53 40.25 10.81
C ASP A 337 7.18 39.62 11.11
N ALA A 338 7.01 39.10 12.32
CA ALA A 338 5.76 38.48 12.74
C ALA A 338 4.92 39.42 13.62
N LEU A 339 3.62 39.50 13.37
CA LEU A 339 2.77 40.38 14.17
C LEU A 339 2.59 39.85 15.58
N GLN A 340 2.77 40.72 16.58
CA GLN A 340 2.65 40.32 17.97
C GLN A 340 1.87 41.31 18.83
N PRO A 341 1.21 40.82 19.89
CA PRO A 341 1.15 39.41 20.31
C PRO A 341 0.11 38.61 19.51
N ALA A 342 0.37 37.30 19.34
CA ALA A 342 -0.52 36.43 18.58
C ALA A 342 -1.21 35.33 19.38
N PRO A 343 -2.49 35.09 19.10
CA PRO A 343 -3.27 34.05 19.78
C PRO A 343 -2.86 32.69 19.22
N GLN A 344 -3.56 31.63 19.59
CA GLN A 344 -3.23 30.31 19.09
C GLN A 344 -3.61 30.22 17.61
N ALA A 345 -3.02 29.26 16.89
CA ALA A 345 -3.33 29.07 15.48
C ALA A 345 -4.81 28.74 15.35
N GLY A 346 -5.44 29.26 14.31
CA GLY A 346 -6.86 29.01 14.11
C GLY A 346 -7.75 30.03 14.78
N ALA A 347 -7.22 30.68 15.82
CA ALA A 347 -7.96 31.69 16.58
C ALA A 347 -8.03 33.01 15.82
N TRP A 348 -9.04 33.82 16.11
CA TRP A 348 -9.20 35.09 15.43
C TRP A 348 -8.09 36.03 15.92
N PHE A 349 -7.52 36.79 14.99
CA PHE A 349 -6.44 37.72 15.30
C PHE A 349 -6.86 39.07 14.73
N GLN A 350 -7.58 39.84 15.54
CA GLN A 350 -8.11 41.14 15.15
C GLN A 350 -7.14 42.15 14.57
N ALA A 351 -5.95 42.28 15.17
CA ALA A 351 -4.98 43.23 14.65
C ALA A 351 -4.52 42.79 13.26
N TYR A 352 -4.33 41.48 13.09
CA TYR A 352 -3.90 40.99 11.79
C TYR A 352 -4.96 41.23 10.73
N PHE A 353 -6.20 40.93 11.07
CA PHE A 353 -7.30 41.11 10.15
C PHE A 353 -7.40 42.57 9.70
N VAL A 354 -7.05 43.48 10.59
CA VAL A 354 -7.13 44.91 10.27
C VAL A 354 -5.99 45.32 9.33
N GLN A 355 -4.82 44.77 9.55
CA GLN A 355 -3.67 45.08 8.70
C GLN A 355 -3.94 44.64 7.25
N LEU A 356 -4.58 43.48 7.12
CA LEU A 356 -4.95 42.90 5.82
C LEU A 356 -5.97 43.74 5.09
N LEU A 357 -6.87 44.33 5.85
CA LEU A 357 -7.92 45.15 5.27
C LEU A 357 -7.35 46.47 4.81
N THR A 358 -6.40 47.00 5.58
CA THR A 358 -5.77 48.27 5.29
C THR A 358 -4.79 48.17 4.12
N ASN A 359 -4.30 46.98 3.88
CA ASN A 359 -3.34 46.77 2.80
C ASN A 359 -3.95 45.98 1.64
N ALA A 360 -5.28 45.88 1.63
CA ALA A 360 -5.95 45.14 0.56
C ALA A 360 -5.66 45.71 -0.82
N ASN A 361 -5.43 44.83 -1.77
CA ASN A 361 -5.16 45.23 -3.15
C ASN A 361 -5.46 44.07 -4.08
N PRO A 362 -6.57 44.15 -4.83
CA PRO A 362 -7.55 45.24 -4.86
C PRO A 362 -8.04 45.68 -3.48
N SER A 363 -8.16 46.98 -3.29
CA SER A 363 -8.62 47.53 -2.02
C SER A 363 -10.12 47.35 -1.77
N PHE A 364 -10.48 47.34 -0.50
CA PHE A 364 -11.87 47.21 -0.07
C PHE A 364 -12.38 48.57 0.35
N LEU A 365 -11.45 49.50 0.55
CA LEU A 365 -11.78 50.85 0.94
C LEU A 365 -12.12 51.70 -0.29
N THR B 3 28.19 -18.11 4.04
CA THR B 3 27.48 -17.18 4.98
C THR B 3 25.98 -17.34 4.83
N ALA B 4 25.26 -17.12 5.92
CA ALA B 4 23.80 -17.23 5.90
C ALA B 4 23.17 -16.08 5.12
N THR B 5 23.73 -14.87 5.23
CA THR B 5 23.17 -13.74 4.51
C THR B 5 23.45 -13.91 3.02
N TYR B 6 22.69 -13.20 2.20
CA TYR B 6 22.84 -13.33 0.76
C TYR B 6 22.37 -12.06 0.07
N SER B 7 22.48 -12.07 -1.25
CA SER B 7 22.03 -10.99 -2.09
C SER B 7 21.63 -11.69 -3.38
N GLY B 8 20.54 -11.24 -4.00
CA GLY B 8 20.13 -11.88 -5.23
C GLY B 8 19.44 -13.20 -4.97
N ASN B 9 19.84 -14.22 -5.72
CA ASN B 9 19.23 -15.54 -5.60
C ASN B 9 19.65 -16.29 -4.34
N PRO B 10 18.68 -16.59 -3.45
CA PRO B 10 18.87 -17.29 -2.18
C PRO B 10 19.54 -18.65 -2.30
N PHE B 11 19.32 -19.34 -3.42
CA PHE B 11 19.88 -20.66 -3.65
C PHE B 11 21.31 -20.66 -4.18
N VAL B 12 21.73 -19.55 -4.77
CA VAL B 12 23.10 -19.47 -5.28
C VAL B 12 24.01 -19.37 -4.06
N GLY B 13 24.96 -20.30 -3.93
CA GLY B 13 25.86 -20.25 -2.80
C GLY B 13 25.63 -21.29 -1.73
N VAL B 14 24.49 -21.98 -1.76
CA VAL B 14 24.20 -23.02 -0.78
C VAL B 14 23.68 -24.28 -1.42
N THR B 15 23.64 -25.33 -0.61
CA THR B 15 23.17 -26.63 -1.06
C THR B 15 21.94 -27.03 -0.22
N PRO B 16 20.79 -27.23 -0.86
CA PRO B 16 19.59 -27.63 -0.12
C PRO B 16 19.81 -28.95 0.64
N TRP B 17 19.29 -29.00 1.86
CA TRP B 17 19.43 -30.15 2.73
C TRP B 17 18.29 -31.16 2.60
N ALA B 18 18.62 -32.44 2.55
CA ALA B 18 17.62 -33.48 2.46
C ALA B 18 17.38 -33.95 3.88
N ASN B 19 16.32 -33.46 4.50
CA ASN B 19 16.02 -33.81 5.89
C ASN B 19 15.91 -35.29 6.14
N ALA B 20 16.09 -35.67 7.42
CA ALA B 20 16.05 -37.07 7.83
C ALA B 20 14.63 -37.61 7.99
N TYR B 21 13.67 -36.72 8.20
CA TYR B 21 12.30 -37.13 8.37
C TYR B 21 11.78 -37.81 7.11
N TYR B 22 12.12 -37.25 5.94
CA TYR B 22 11.69 -37.85 4.69
C TYR B 22 12.52 -39.09 4.43
N ALA B 23 13.83 -38.99 4.62
CA ALA B 23 14.71 -40.13 4.41
C ALA B 23 14.28 -41.27 5.31
N SER B 24 13.77 -40.94 6.49
CA SER B 24 13.33 -41.97 7.41
C SER B 24 12.09 -42.67 6.87
N GLU B 25 11.19 -41.91 6.26
CA GLU B 25 9.98 -42.50 5.69
C GLU B 25 10.34 -43.49 4.58
N VAL B 26 11.15 -43.04 3.63
CA VAL B 26 11.54 -43.88 2.49
C VAL B 26 12.26 -45.16 2.86
N SER B 27 13.27 -45.07 3.70
CA SER B 27 14.05 -46.24 4.09
C SER B 27 13.35 -47.25 4.99
N SER B 28 12.48 -46.79 5.87
CA SER B 28 11.79 -47.67 6.80
C SER B 28 10.37 -48.06 6.42
N LEU B 29 9.75 -47.27 5.55
CA LEU B 29 8.37 -47.57 5.15
C LEU B 29 8.30 -48.09 3.73
N ALA B 30 9.10 -47.51 2.84
CA ALA B 30 9.08 -47.91 1.45
C ALA B 30 10.03 -49.05 1.13
N ILE B 31 11.34 -48.80 1.29
CA ILE B 31 12.37 -49.79 1.00
C ILE B 31 12.10 -51.22 1.48
N PRO B 32 11.71 -51.40 2.75
CA PRO B 32 11.46 -52.76 3.21
C PRO B 32 10.46 -53.51 2.33
N SER B 33 9.56 -52.78 1.69
CA SER B 33 8.53 -53.37 0.83
C SER B 33 8.94 -53.59 -0.61
N LEU B 34 10.19 -53.24 -0.95
CA LEU B 34 10.67 -53.39 -2.32
C LEU B 34 11.94 -54.23 -2.41
N THR B 35 12.28 -54.63 -3.63
CA THR B 35 13.50 -55.39 -3.88
C THR B 35 13.99 -55.21 -5.32
N GLY B 36 15.21 -55.70 -5.57
CA GLY B 36 15.79 -55.58 -6.89
C GLY B 36 16.05 -54.14 -7.24
N ALA B 37 15.87 -53.81 -8.52
CA ALA B 37 16.08 -52.46 -9.02
C ALA B 37 15.29 -51.43 -8.23
N MET B 38 14.04 -51.73 -7.92
CA MET B 38 13.20 -50.83 -7.19
C MET B 38 13.81 -50.34 -5.88
N ALA B 39 14.32 -51.28 -5.08
CA ALA B 39 14.93 -50.91 -3.81
C ALA B 39 16.04 -49.89 -4.06
N THR B 40 17.09 -50.33 -4.76
CA THR B 40 18.23 -49.46 -5.07
C THR B 40 17.79 -48.02 -5.33
N ALA B 41 16.85 -47.85 -6.26
CA ALA B 41 16.34 -46.54 -6.66
C ALA B 41 15.66 -45.73 -5.55
N ALA B 42 14.75 -46.36 -4.82
CA ALA B 42 14.05 -45.67 -3.73
C ALA B 42 15.08 -45.04 -2.81
N ALA B 43 16.17 -45.77 -2.56
CA ALA B 43 17.22 -45.26 -1.69
C ALA B 43 17.79 -43.96 -2.23
N ALA B 44 17.79 -43.82 -3.56
CA ALA B 44 18.31 -42.62 -4.20
C ALA B 44 17.33 -41.45 -4.13
N VAL B 45 16.04 -41.74 -4.13
CA VAL B 45 15.04 -40.69 -4.07
C VAL B 45 15.14 -39.91 -2.75
N ALA B 46 15.37 -40.64 -1.66
CA ALA B 46 15.48 -40.03 -0.34
C ALA B 46 16.66 -39.06 -0.23
N LYS B 47 17.53 -39.04 -1.23
CA LYS B 47 18.68 -38.14 -1.20
C LYS B 47 18.46 -36.81 -1.89
N VAL B 48 17.30 -36.66 -2.53
CA VAL B 48 16.94 -35.42 -3.20
C VAL B 48 16.31 -34.51 -2.13
N PRO B 49 16.72 -33.23 -2.10
CA PRO B 49 16.16 -32.31 -1.10
C PRO B 49 14.72 -31.84 -1.35
N SER B 50 13.90 -31.91 -0.31
CA SER B 50 12.51 -31.47 -0.39
C SER B 50 12.17 -30.63 0.84
N PHE B 51 11.08 -29.88 0.76
CA PHE B 51 10.64 -29.01 1.86
C PHE B 51 9.96 -29.72 3.03
N MET B 52 10.27 -29.28 4.25
CA MET B 52 9.65 -29.86 5.45
C MET B 52 8.44 -29.00 5.82
N TRP B 53 7.30 -29.66 6.00
CA TRP B 53 6.06 -28.96 6.32
C TRP B 53 5.82 -28.77 7.82
N LEU B 54 5.57 -27.52 8.20
CA LEU B 54 5.30 -27.18 9.59
C LEU B 54 3.79 -26.98 9.64
N ASP B 55 3.05 -28.07 9.43
CA ASP B 55 1.60 -28.01 9.42
C ASP B 55 0.94 -27.87 10.80
N THR B 56 1.73 -27.96 11.87
CA THR B 56 1.23 -27.78 13.22
C THR B 56 2.33 -27.19 14.12
N LEU B 57 1.94 -26.58 15.22
CA LEU B 57 2.87 -25.97 16.16
C LEU B 57 3.85 -26.99 16.69
N ASP B 58 3.36 -28.19 16.98
CA ASP B 58 4.20 -29.25 17.52
C ASP B 58 5.21 -29.78 16.53
N LYS B 59 5.23 -29.19 15.34
CA LYS B 59 6.19 -29.57 14.30
C LYS B 59 7.45 -28.72 14.46
N THR B 60 7.31 -27.60 15.15
CA THR B 60 8.45 -26.71 15.36
C THR B 60 9.66 -27.39 16.01
N PRO B 61 9.43 -28.33 16.94
CA PRO B 61 10.62 -28.96 17.53
C PRO B 61 11.38 -29.76 16.47
N LEU B 62 10.65 -30.25 15.47
CA LEU B 62 11.28 -31.02 14.40
C LEU B 62 12.06 -30.09 13.46
N MET B 63 11.66 -28.83 13.39
CA MET B 63 12.36 -27.86 12.55
C MET B 63 13.71 -27.52 13.19
N GLU B 64 13.68 -27.39 14.51
CA GLU B 64 14.87 -27.07 15.28
C GLU B 64 15.91 -28.18 15.15
N GLN B 65 15.44 -29.42 15.14
CA GLN B 65 16.30 -30.61 15.01
C GLN B 65 17.01 -30.68 13.65
N THR B 66 16.29 -30.31 12.59
CA THR B 66 16.85 -30.35 11.25
C THR B 66 17.95 -29.30 11.13
N LEU B 67 17.70 -28.09 11.66
CA LEU B 67 18.68 -27.01 11.64
C LEU B 67 19.88 -27.38 12.49
N ALA B 68 19.65 -28.19 13.51
CA ALA B 68 20.73 -28.63 14.39
C ALA B 68 21.68 -29.48 13.56
N ASP B 69 21.12 -30.45 12.84
CA ASP B 69 21.91 -31.33 11.99
C ASP B 69 22.63 -30.57 10.88
N ILE B 70 22.00 -29.54 10.35
CA ILE B 70 22.61 -28.75 9.29
C ILE B 70 23.82 -27.96 9.81
N ARG B 71 23.69 -27.39 11.00
CA ARG B 71 24.77 -26.63 11.62
C ARG B 71 25.97 -27.57 11.71
N THR B 72 25.73 -28.76 12.23
CA THR B 72 26.76 -29.78 12.37
C THR B 72 27.39 -30.06 11.01
N ALA B 73 26.53 -30.25 10.01
CA ALA B 73 26.99 -30.52 8.66
C ALA B 73 27.92 -29.42 8.16
N ASN B 74 27.57 -28.16 8.44
CA ASN B 74 28.38 -27.04 8.00
C ASN B 74 29.74 -26.98 8.69
N LYS B 75 29.86 -27.65 9.83
CA LYS B 75 31.12 -27.65 10.57
C LYS B 75 32.22 -28.30 9.74
N ASN B 76 31.83 -29.23 8.89
CA ASN B 76 32.78 -29.89 8.00
C ASN B 76 32.81 -29.16 6.65
N GLY B 77 32.40 -27.89 6.67
CA GLY B 77 32.38 -27.08 5.47
C GLY B 77 31.40 -27.54 4.40
N GLY B 78 30.15 -27.80 4.79
CA GLY B 78 29.16 -28.27 3.85
C GLY B 78 28.36 -27.19 3.13
N ASN B 79 27.98 -26.15 3.87
CA ASN B 79 27.20 -25.05 3.30
C ASN B 79 25.81 -25.47 2.85
N TYR B 80 25.07 -26.09 3.77
CA TYR B 80 23.72 -26.55 3.50
C TYR B 80 22.70 -25.52 3.99
N ALA B 81 21.48 -25.59 3.45
CA ALA B 81 20.42 -24.66 3.82
C ALA B 81 19.13 -25.38 4.21
N GLY B 82 18.28 -24.68 4.95
CA GLY B 82 17.02 -25.25 5.39
C GLY B 82 15.85 -24.91 4.46
N GLN B 83 14.91 -25.85 4.36
CA GLN B 83 13.75 -25.69 3.51
C GLN B 83 12.51 -26.09 4.26
N PHE B 84 11.66 -25.11 4.55
CA PHE B 84 10.43 -25.36 5.29
C PHE B 84 9.23 -24.63 4.68
N VAL B 85 8.04 -25.18 4.96
CA VAL B 85 6.79 -24.59 4.54
C VAL B 85 6.02 -24.09 5.78
N VAL B 86 5.54 -22.86 5.72
CA VAL B 86 4.75 -22.27 6.81
C VAL B 86 3.31 -22.50 6.39
N TYR B 87 2.56 -23.27 7.18
CA TYR B 87 1.20 -23.67 6.83
C TYR B 87 0.32 -24.02 8.05
N ASP B 88 -0.06 -23.01 8.83
CA ASP B 88 -0.86 -23.24 10.04
C ASP B 88 -1.86 -22.09 10.28
N LEU B 89 -2.25 -21.44 9.20
CA LEU B 89 -3.19 -20.33 9.21
C LEU B 89 -4.54 -20.75 9.83
N PRO B 90 -5.25 -19.82 10.50
CA PRO B 90 -6.53 -20.17 11.11
C PRO B 90 -7.57 -20.33 9.98
N ASP B 91 -8.49 -21.28 10.13
CA ASP B 91 -9.48 -21.54 9.10
C ASP B 91 -8.75 -21.89 7.79
N ARG B 92 -7.75 -22.76 7.93
CA ARG B 92 -6.91 -23.24 6.85
C ARG B 92 -7.68 -23.87 5.67
N ASP B 93 -7.18 -23.63 4.46
CA ASP B 93 -7.77 -24.13 3.23
C ASP B 93 -9.27 -23.88 3.26
N CYS B 94 -9.64 -22.61 3.18
CA CYS B 94 -11.04 -22.20 3.24
C CYS B 94 -11.89 -22.75 2.10
N ALA B 95 -11.25 -23.13 1.00
CA ALA B 95 -11.97 -23.65 -0.16
C ALA B 95 -12.24 -25.16 -0.01
N ALA B 96 -11.50 -25.82 0.87
CA ALA B 96 -11.67 -27.25 1.11
C ALA B 96 -12.91 -27.51 1.97
N LEU B 97 -13.61 -28.61 1.69
CA LEU B 97 -14.81 -28.95 2.45
C LEU B 97 -14.54 -28.96 3.95
N ALA B 98 -14.07 -30.11 4.45
CA ALA B 98 -13.74 -30.25 5.86
C ALA B 98 -12.34 -29.70 6.09
N SER B 99 -12.25 -28.64 6.90
CA SER B 99 -10.96 -28.00 7.17
C SER B 99 -10.01 -28.96 7.88
N ASN B 100 -8.71 -28.74 7.70
CA ASN B 100 -7.68 -29.60 8.29
C ASN B 100 -6.79 -28.89 9.31
N GLY B 101 -7.10 -27.63 9.62
CA GLY B 101 -6.28 -26.86 10.55
C GLY B 101 -6.55 -27.03 12.02
N GLU B 102 -5.53 -26.76 12.83
CA GLU B 102 -5.65 -26.87 14.27
C GLU B 102 -6.14 -25.54 14.85
N TYR B 103 -6.17 -24.50 14.02
CA TYR B 103 -6.64 -23.19 14.48
C TYR B 103 -7.86 -22.72 13.72
N SER B 104 -8.75 -22.03 14.43
CA SER B 104 -9.97 -21.50 13.82
C SER B 104 -10.17 -20.06 14.26
N ILE B 105 -10.56 -19.21 13.32
CA ILE B 105 -10.76 -17.80 13.62
C ILE B 105 -11.70 -17.62 14.80
N ALA B 106 -12.84 -18.31 14.76
CA ALA B 106 -13.84 -18.21 15.82
C ALA B 106 -13.32 -18.57 17.21
N ASP B 107 -12.26 -19.37 17.28
CA ASP B 107 -11.72 -19.76 18.58
C ASP B 107 -10.30 -19.23 18.83
N GLY B 108 -10.16 -17.91 18.80
CA GLY B 108 -8.86 -17.29 19.03
C GLY B 108 -7.75 -17.64 18.06
N GLY B 109 -8.11 -18.11 16.87
CA GLY B 109 -7.13 -18.49 15.87
C GLY B 109 -6.04 -17.51 15.48
N VAL B 110 -6.38 -16.22 15.38
CA VAL B 110 -5.38 -15.24 15.00
C VAL B 110 -4.26 -15.12 16.00
N ALA B 111 -4.59 -15.12 17.29
CA ALA B 111 -3.54 -14.99 18.32
C ALA B 111 -2.72 -16.28 18.37
N LYS B 112 -3.39 -17.41 18.19
CA LYS B 112 -2.69 -18.68 18.21
C LYS B 112 -1.74 -18.71 17.02
N TYR B 113 -2.13 -18.03 15.94
CA TYR B 113 -1.27 -17.99 14.78
C TYR B 113 -0.07 -17.12 15.07
N LYS B 114 -0.28 -16.00 15.74
CA LYS B 114 0.81 -15.10 16.06
C LYS B 114 1.83 -15.79 16.94
N ASN B 115 1.33 -16.65 17.83
CA ASN B 115 2.20 -17.39 18.74
C ASN B 115 3.02 -18.41 17.93
N TYR B 116 2.36 -19.02 16.95
CA TYR B 116 2.99 -20.00 16.06
C TYR B 116 4.16 -19.35 15.34
N ILE B 117 3.95 -18.15 14.80
CA ILE B 117 5.02 -17.45 14.11
C ILE B 117 6.13 -17.02 15.08
N ASP B 118 5.76 -16.66 16.31
CA ASP B 118 6.77 -16.24 17.28
C ASP B 118 7.71 -17.40 17.58
N THR B 119 7.16 -18.61 17.63
CA THR B 119 7.95 -19.81 17.90
C THR B 119 8.97 -20.03 16.78
N ILE B 120 8.48 -19.90 15.54
CA ILE B 120 9.32 -20.10 14.36
C ILE B 120 10.42 -19.06 14.33
N ARG B 121 10.06 -17.80 14.54
CA ARG B 121 11.01 -16.70 14.54
C ARG B 121 12.15 -16.93 15.54
N GLN B 122 11.82 -17.42 16.73
CA GLN B 122 12.84 -17.69 17.74
C GLN B 122 13.86 -18.72 17.22
N ILE B 123 13.35 -19.76 16.57
CA ILE B 123 14.20 -20.82 16.03
C ILE B 123 15.10 -20.25 14.93
N VAL B 124 14.54 -19.35 14.14
CA VAL B 124 15.29 -18.71 13.06
C VAL B 124 16.34 -17.77 13.65
N VAL B 125 15.98 -17.16 14.78
CA VAL B 125 16.89 -16.26 15.47
C VAL B 125 18.00 -17.10 16.06
N GLU B 126 17.62 -18.19 16.72
CA GLU B 126 18.60 -19.08 17.33
C GLU B 126 19.62 -19.61 16.31
N TYR B 127 19.14 -19.94 15.11
CA TYR B 127 20.04 -20.45 14.07
C TYR B 127 20.26 -19.45 12.95
N SER B 128 20.70 -18.25 13.31
CA SER B 128 20.96 -17.19 12.34
C SER B 128 22.13 -17.51 11.40
N ASP B 129 22.92 -18.52 11.76
CA ASP B 129 24.07 -18.95 10.98
C ASP B 129 23.71 -19.88 9.82
N ILE B 130 22.42 -20.17 9.69
CA ILE B 130 21.94 -21.06 8.63
C ILE B 130 21.00 -20.34 7.68
N ARG B 131 21.18 -20.61 6.39
CA ARG B 131 20.36 -20.03 5.33
C ARG B 131 19.03 -20.77 5.35
N THR B 132 17.94 -20.07 5.62
CA THR B 132 16.63 -20.71 5.68
C THR B 132 15.68 -20.19 4.61
N LEU B 133 15.19 -21.10 3.79
CA LEU B 133 14.27 -20.76 2.70
C LEU B 133 12.85 -21.19 3.07
N LEU B 134 11.91 -20.28 3.03
CA LEU B 134 10.55 -20.64 3.40
C LEU B 134 9.52 -20.38 2.31
N VAL B 135 8.52 -21.24 2.27
CA VAL B 135 7.39 -21.10 1.35
C VAL B 135 6.31 -20.65 2.32
N ILE B 136 5.59 -19.57 2.01
CA ILE B 136 4.55 -19.06 2.92
C ILE B 136 3.09 -19.37 2.60
N GLU B 137 2.50 -20.22 3.44
CA GLU B 137 1.09 -20.61 3.36
C GLU B 137 0.49 -21.02 2.01
N PRO B 138 0.67 -22.29 1.63
CA PRO B 138 0.08 -22.66 0.35
C PRO B 138 -1.44 -22.54 0.36
N ALA B 139 -2.01 -22.34 -0.82
CA ALA B 139 -3.43 -22.23 -0.97
C ALA B 139 -4.09 -21.36 0.09
N SER B 140 -3.66 -20.10 0.17
CA SER B 140 -4.28 -19.17 1.11
C SER B 140 -4.68 -17.93 0.29
N LEU B 141 -3.71 -17.07 -0.01
CA LEU B 141 -3.98 -15.86 -0.80
C LEU B 141 -4.66 -16.16 -2.14
N ALA B 142 -4.37 -17.31 -2.73
CA ALA B 142 -4.95 -17.66 -4.01
C ALA B 142 -6.48 -17.78 -3.94
N ASN B 143 -7.00 -18.30 -2.83
CA ASN B 143 -8.43 -18.45 -2.65
C ASN B 143 -9.17 -17.10 -2.64
N LEU B 144 -8.57 -16.10 -2.00
CA LEU B 144 -9.19 -14.79 -1.93
C LEU B 144 -9.33 -14.14 -3.31
N VAL B 145 -8.66 -14.70 -4.31
CA VAL B 145 -8.75 -14.12 -5.64
C VAL B 145 -9.94 -14.71 -6.40
N THR B 146 -10.18 -16.00 -6.22
CA THR B 146 -11.23 -16.67 -6.95
C THR B 146 -12.32 -17.34 -6.14
N ASN B 147 -12.14 -17.45 -4.84
CA ASN B 147 -13.14 -18.15 -4.03
C ASN B 147 -13.88 -17.36 -2.95
N LEU B 148 -14.12 -16.08 -3.18
CA LEU B 148 -14.83 -15.31 -2.17
C LEU B 148 -16.28 -15.76 -2.18
N GLY B 149 -16.67 -16.46 -3.24
CA GLY B 149 -18.01 -16.96 -3.30
C GLY B 149 -18.22 -17.95 -2.18
N THR B 150 -17.17 -18.72 -1.86
CA THR B 150 -17.25 -19.69 -0.77
C THR B 150 -17.27 -18.90 0.54
N PRO B 151 -18.43 -18.90 1.22
CA PRO B 151 -18.61 -18.19 2.49
C PRO B 151 -17.50 -18.30 3.53
N LYS B 152 -16.83 -19.46 3.62
CA LYS B 152 -15.77 -19.60 4.60
C LYS B 152 -14.56 -18.76 4.20
N CYS B 153 -14.25 -18.72 2.91
CA CYS B 153 -13.12 -17.93 2.43
C CYS B 153 -13.39 -16.45 2.64
N ALA B 154 -14.61 -16.03 2.33
CA ALA B 154 -15.02 -14.63 2.47
C ALA B 154 -14.85 -14.14 3.90
N ASN B 155 -15.31 -14.94 4.85
CA ASN B 155 -15.23 -14.60 6.26
C ASN B 155 -13.80 -14.70 6.77
N ALA B 156 -12.99 -15.53 6.11
CA ALA B 156 -11.59 -15.72 6.52
C ALA B 156 -10.64 -14.62 6.04
N GLN B 157 -10.96 -14.02 4.89
CA GLN B 157 -10.14 -12.97 4.29
C GLN B 157 -9.40 -12.00 5.22
N SER B 158 -10.13 -11.47 6.21
CA SER B 158 -9.55 -10.53 7.17
C SER B 158 -8.40 -11.11 7.97
N ALA B 159 -8.60 -12.33 8.46
CA ALA B 159 -7.58 -13.01 9.27
C ALA B 159 -6.36 -13.37 8.42
N TYR B 160 -6.60 -13.93 7.24
CA TYR B 160 -5.53 -14.31 6.33
C TYR B 160 -4.58 -13.15 6.07
N LEU B 161 -5.13 -12.01 5.67
CA LEU B 161 -4.32 -10.83 5.38
C LEU B 161 -3.59 -10.40 6.65
N GLU B 162 -4.33 -10.43 7.75
CA GLU B 162 -3.75 -10.05 9.02
C GLU B 162 -2.59 -10.98 9.34
N CYS B 163 -2.88 -12.28 9.35
CA CYS B 163 -1.87 -13.27 9.67
C CYS B 163 -0.68 -13.32 8.72
N ILE B 164 -0.90 -13.14 7.42
CA ILE B 164 0.21 -13.17 6.47
C ILE B 164 1.10 -11.93 6.59
N ASN B 165 0.57 -10.84 7.13
CA ASN B 165 1.34 -9.61 7.30
C ASN B 165 2.30 -9.74 8.48
N TYR B 166 1.85 -10.47 9.50
CA TYR B 166 2.61 -10.71 10.72
C TYR B 166 3.75 -11.68 10.42
N ALA B 167 3.42 -12.74 9.70
CA ALA B 167 4.41 -13.75 9.31
C ALA B 167 5.53 -13.12 8.48
N VAL B 168 5.14 -12.43 7.41
CA VAL B 168 6.09 -11.80 6.52
C VAL B 168 6.99 -10.73 7.15
N THR B 169 6.47 -10.01 8.13
CA THR B 169 7.27 -8.98 8.80
C THR B 169 8.01 -9.54 10.01
N GLN B 170 7.44 -10.56 10.65
CA GLN B 170 8.11 -11.15 11.80
C GLN B 170 9.25 -12.10 11.40
N LEU B 171 9.21 -12.62 10.17
CA LEU B 171 10.26 -13.52 9.72
C LEU B 171 11.25 -12.85 8.76
N ASN B 172 11.13 -11.54 8.61
CA ASN B 172 12.01 -10.78 7.73
C ASN B 172 13.37 -10.64 8.39
N LEU B 173 14.18 -11.68 8.26
CA LEU B 173 15.52 -11.71 8.86
C LEU B 173 16.60 -11.90 7.80
N PRO B 174 17.81 -11.42 8.08
CA PRO B 174 18.96 -11.51 7.17
C PRO B 174 19.24 -12.88 6.56
N ASN B 175 18.98 -13.94 7.30
CA ASN B 175 19.25 -15.27 6.78
C ASN B 175 18.01 -15.98 6.25
N VAL B 176 16.97 -15.21 5.97
CA VAL B 176 15.72 -15.77 5.48
C VAL B 176 15.39 -15.34 4.05
N ALA B 177 14.71 -16.22 3.32
CA ALA B 177 14.26 -15.95 1.97
C ALA B 177 12.85 -16.53 1.94
N MET B 178 11.85 -15.68 1.71
CA MET B 178 10.46 -16.13 1.66
C MET B 178 9.90 -16.07 0.25
N TYR B 179 8.96 -16.97 -0.01
CA TYR B 179 8.27 -17.03 -1.29
C TYR B 179 6.80 -17.21 -0.95
N LEU B 180 5.98 -16.22 -1.29
CA LEU B 180 4.56 -16.31 -1.02
C LEU B 180 3.92 -17.27 -2.01
N ASP B 181 3.22 -18.28 -1.53
CA ASP B 181 2.55 -19.22 -2.41
C ASP B 181 1.66 -18.44 -3.37
N ALA B 182 1.71 -18.78 -4.66
CA ALA B 182 0.93 -18.08 -5.66
C ALA B 182 0.15 -19.03 -6.57
N GLY B 183 -0.35 -20.12 -5.99
CA GLY B 183 -1.11 -21.08 -6.76
C GLY B 183 -0.34 -21.65 -7.93
N HIS B 184 -1.02 -21.76 -9.08
CA HIS B 184 -0.39 -22.30 -10.29
C HIS B 184 -1.11 -21.92 -11.58
N ALA B 185 -0.60 -22.40 -12.70
CA ALA B 185 -1.14 -22.10 -14.03
C ALA B 185 -2.64 -22.31 -14.27
N GLY B 186 -3.17 -23.46 -13.87
CA GLY B 186 -4.59 -23.72 -14.09
C GLY B 186 -5.51 -23.07 -13.08
N TRP B 187 -4.94 -22.25 -12.21
CA TRP B 187 -5.71 -21.56 -11.18
C TRP B 187 -5.65 -20.03 -11.40
N LEU B 188 -4.47 -19.45 -11.27
CA LEU B 188 -4.32 -18.00 -11.44
C LEU B 188 -3.71 -17.66 -12.81
N GLY B 189 -3.31 -18.68 -13.55
CA GLY B 189 -2.71 -18.48 -14.86
C GLY B 189 -3.69 -17.97 -15.89
N TRP B 190 -4.96 -18.36 -15.74
CA TRP B 190 -6.00 -17.92 -16.66
C TRP B 190 -5.90 -16.41 -16.80
N PRO B 191 -6.03 -15.89 -18.02
CA PRO B 191 -5.95 -14.45 -18.31
C PRO B 191 -6.75 -13.55 -17.38
N ALA B 192 -8.01 -13.91 -17.13
CA ALA B 192 -8.88 -13.12 -16.27
C ALA B 192 -8.45 -13.04 -14.81
N ASN B 193 -7.71 -14.03 -14.34
CA ASN B 193 -7.27 -14.03 -12.93
C ASN B 193 -5.92 -13.36 -12.71
N GLN B 194 -5.15 -13.18 -13.78
CA GLN B 194 -3.82 -12.60 -13.67
C GLN B 194 -3.68 -11.26 -12.95
N ASP B 195 -4.23 -10.20 -13.50
CA ASP B 195 -4.10 -8.90 -12.86
C ASP B 195 -4.64 -8.87 -11.43
N PRO B 196 -5.90 -9.31 -11.23
CA PRO B 196 -6.48 -9.32 -9.87
C PRO B 196 -5.55 -10.02 -8.89
N ALA B 197 -4.82 -11.01 -9.37
CA ALA B 197 -3.91 -11.76 -8.51
C ALA B 197 -2.61 -11.00 -8.27
N ALA B 198 -2.07 -10.37 -9.31
CA ALA B 198 -0.81 -9.63 -9.19
C ALA B 198 -1.01 -8.40 -8.32
N GLN B 199 -2.20 -7.84 -8.37
CA GLN B 199 -2.54 -6.67 -7.59
C GLN B 199 -2.55 -7.05 -6.10
N LEU B 200 -3.19 -8.17 -5.77
CA LEU B 200 -3.26 -8.64 -4.39
C LEU B 200 -1.89 -8.93 -3.80
N PHE B 201 -1.02 -9.61 -4.55
CA PHE B 201 0.32 -9.92 -4.05
C PHE B 201 1.14 -8.67 -3.82
N ALA B 202 1.08 -7.74 -4.77
CA ALA B 202 1.83 -6.49 -4.64
C ALA B 202 1.36 -5.72 -3.41
N ASN B 203 0.07 -5.83 -3.11
CA ASN B 203 -0.52 -5.15 -1.96
C ASN B 203 0.00 -5.71 -0.66
N VAL B 204 0.07 -7.04 -0.56
CA VAL B 204 0.56 -7.68 0.64
C VAL B 204 2.01 -7.26 0.86
N TYR B 205 2.78 -7.29 -0.23
CA TYR B 205 4.19 -6.92 -0.19
C TYR B 205 4.40 -5.45 0.25
N LYS B 206 3.62 -4.54 -0.32
CA LYS B 206 3.72 -3.12 0.04
C LYS B 206 3.23 -2.87 1.47
N ASN B 207 2.11 -3.49 1.82
CA ASN B 207 1.53 -3.35 3.14
C ASN B 207 2.52 -3.84 4.19
N ALA B 208 3.44 -4.71 3.78
CA ALA B 208 4.46 -5.23 4.68
C ALA B 208 5.73 -4.41 4.61
N SER B 209 5.63 -3.23 3.99
CA SER B 209 6.77 -2.33 3.84
C SER B 209 7.90 -2.88 3.00
N SER B 210 7.57 -3.57 1.91
CA SER B 210 8.58 -4.10 1.02
C SER B 210 9.70 -4.86 1.74
N PRO B 211 9.35 -5.93 2.47
CA PRO B 211 10.33 -6.74 3.21
C PRO B 211 11.49 -7.20 2.32
N ARG B 212 12.72 -7.15 2.82
CA ARG B 212 13.85 -7.60 2.03
C ARG B 212 13.89 -9.12 1.90
N ALA B 213 13.38 -9.82 2.90
CA ALA B 213 13.40 -11.28 2.88
C ALA B 213 12.38 -11.91 1.93
N LEU B 214 11.41 -11.12 1.48
CA LEU B 214 10.39 -11.60 0.55
C LEU B 214 10.89 -11.49 -0.89
N ARG B 215 11.52 -12.54 -1.40
CA ARG B 215 12.07 -12.54 -2.75
C ARG B 215 11.07 -12.66 -3.91
N GLY B 216 9.99 -13.41 -3.70
CA GLY B 216 9.02 -13.59 -4.76
C GLY B 216 7.89 -14.52 -4.39
N LEU B 217 7.43 -15.29 -5.39
CA LEU B 217 6.33 -16.21 -5.20
C LEU B 217 6.72 -17.63 -5.60
N ALA B 218 5.99 -18.60 -5.04
CA ALA B 218 6.21 -20.01 -5.29
C ALA B 218 4.98 -20.54 -6.02
N THR B 219 5.18 -21.33 -7.08
CA THR B 219 4.05 -21.90 -7.84
C THR B 219 4.08 -23.42 -7.91
N ASN B 220 2.93 -23.97 -8.32
CA ASN B 220 2.70 -25.41 -8.48
C ASN B 220 2.88 -26.26 -7.21
N VAL B 221 2.98 -25.59 -6.07
CA VAL B 221 3.18 -26.28 -4.81
C VAL B 221 2.10 -27.33 -4.59
N ALA B 222 2.53 -28.58 -4.42
CA ALA B 222 1.63 -29.71 -4.24
C ALA B 222 0.82 -30.02 -5.49
N ASN B 223 1.16 -29.42 -6.62
CA ASN B 223 0.42 -29.71 -7.83
C ASN B 223 1.26 -30.52 -8.84
N TYR B 224 0.77 -30.64 -10.07
CA TYR B 224 1.45 -31.46 -11.07
C TYR B 224 1.78 -30.81 -12.41
N ASN B 225 1.46 -29.53 -12.58
CA ASN B 225 1.74 -28.88 -13.86
C ASN B 225 3.20 -29.02 -14.28
N GLY B 226 3.42 -29.02 -15.58
CA GLY B 226 4.77 -29.13 -16.09
C GLY B 226 5.43 -27.76 -16.18
N TRP B 227 6.75 -27.75 -16.17
CA TRP B 227 7.49 -26.51 -16.28
C TRP B 227 7.36 -25.86 -17.65
N ASN B 228 7.85 -26.56 -18.67
CA ASN B 228 7.88 -26.07 -20.06
C ASN B 228 7.41 -27.03 -21.14
N ILE B 229 6.55 -27.99 -20.83
CA ILE B 229 6.07 -28.92 -21.85
C ILE B 229 5.68 -28.13 -23.09
N THR B 230 5.95 -28.69 -24.27
CA THR B 230 5.67 -28.00 -25.53
C THR B 230 4.29 -28.21 -26.12
N SER B 231 3.57 -29.23 -25.64
CA SER B 231 2.20 -29.50 -26.11
C SER B 231 1.25 -29.43 -24.94
N PRO B 232 0.17 -28.66 -25.07
CA PRO B 232 -0.82 -28.51 -24.00
C PRO B 232 -1.66 -29.75 -23.75
N PRO B 233 -1.79 -30.15 -22.48
CA PRO B 233 -2.59 -31.34 -22.15
C PRO B 233 -4.06 -31.03 -22.39
N SER B 234 -4.87 -32.06 -22.63
CA SER B 234 -6.29 -31.88 -22.87
C SER B 234 -7.05 -31.13 -21.76
N TYR B 235 -6.84 -31.54 -20.51
CA TYR B 235 -7.53 -30.91 -19.39
C TYR B 235 -7.26 -29.40 -19.20
N THR B 236 -6.26 -28.87 -19.90
CA THR B 236 -5.95 -27.44 -19.79
C THR B 236 -6.64 -26.69 -20.92
N GLN B 237 -7.44 -27.43 -21.69
CA GLN B 237 -8.17 -26.87 -22.82
C GLN B 237 -8.78 -25.53 -22.48
N GLY B 238 -8.47 -24.51 -23.29
CA GLY B 238 -9.00 -23.18 -23.07
C GLY B 238 -8.00 -22.19 -22.47
N ASN B 239 -7.01 -22.69 -21.74
CA ASN B 239 -6.04 -21.80 -21.11
C ASN B 239 -4.77 -21.67 -21.94
N ALA B 240 -4.46 -20.44 -22.37
CA ALA B 240 -3.27 -20.19 -23.17
C ALA B 240 -2.02 -20.42 -22.31
N VAL B 241 -2.18 -20.29 -21.00
CA VAL B 241 -1.07 -20.50 -20.06
C VAL B 241 -1.21 -21.91 -19.51
N TYR B 242 -0.64 -22.88 -20.21
CA TYR B 242 -0.76 -24.27 -19.81
C TYR B 242 0.38 -24.92 -19.06
N ASN B 243 1.41 -24.13 -18.74
CA ASN B 243 2.53 -24.63 -17.96
C ASN B 243 3.02 -23.51 -17.04
N GLU B 244 3.85 -23.84 -16.06
CA GLU B 244 4.34 -22.86 -15.10
C GLU B 244 5.30 -21.81 -15.65
N LYS B 245 6.10 -22.18 -16.65
CA LYS B 245 7.01 -21.20 -17.22
C LYS B 245 6.20 -20.04 -17.77
N LEU B 246 5.13 -20.38 -18.50
CA LEU B 246 4.24 -19.39 -19.08
C LEU B 246 3.55 -18.59 -18.00
N TYR B 247 3.20 -19.26 -16.90
CA TYR B 247 2.52 -18.58 -15.81
C TYR B 247 3.39 -17.49 -15.18
N ILE B 248 4.58 -17.85 -14.69
CA ILE B 248 5.41 -16.85 -14.05
C ILE B 248 5.90 -15.75 -14.99
N HIS B 249 5.99 -16.05 -16.28
CA HIS B 249 6.43 -15.03 -17.24
C HIS B 249 5.28 -14.10 -17.61
N ALA B 250 4.06 -14.55 -17.30
CA ALA B 250 2.87 -13.76 -17.58
C ALA B 250 2.61 -12.79 -16.43
N ILE B 251 2.67 -13.29 -15.18
CA ILE B 251 2.40 -12.49 -14.00
C ILE B 251 3.55 -11.62 -13.48
N GLY B 252 4.78 -11.93 -13.87
CA GLY B 252 5.92 -11.15 -13.43
C GLY B 252 5.75 -9.66 -13.69
N PRO B 253 5.56 -9.24 -14.95
CA PRO B 253 5.39 -7.82 -15.26
C PRO B 253 4.19 -7.18 -14.53
N LEU B 254 3.14 -7.96 -14.28
CA LEU B 254 1.97 -7.44 -13.61
C LEU B 254 2.24 -7.04 -12.16
N LEU B 255 3.13 -7.76 -11.49
CA LEU B 255 3.46 -7.43 -10.11
C LEU B 255 4.23 -6.13 -10.17
N ALA B 256 5.15 -6.05 -11.13
CA ALA B 256 5.97 -4.85 -11.32
C ALA B 256 5.03 -3.67 -11.53
N ASN B 257 4.09 -3.82 -12.45
CA ASN B 257 3.11 -2.78 -12.73
C ASN B 257 2.37 -2.37 -11.48
N HIS B 258 2.30 -3.25 -10.48
CA HIS B 258 1.55 -2.92 -9.27
C HIS B 258 2.37 -2.54 -8.04
N GLY B 259 3.66 -2.32 -8.21
CA GLY B 259 4.47 -1.93 -7.08
C GLY B 259 5.47 -2.94 -6.56
N TRP B 260 5.50 -4.14 -7.14
CA TRP B 260 6.46 -5.15 -6.70
C TRP B 260 7.41 -5.45 -7.84
N SER B 261 8.58 -4.83 -7.80
CA SER B 261 9.59 -5.04 -8.83
C SER B 261 10.62 -6.04 -8.36
N ASN B 262 11.27 -6.71 -9.29
CA ASN B 262 12.29 -7.70 -8.96
C ASN B 262 11.75 -8.85 -8.10
N ALA B 263 10.71 -9.51 -8.60
CA ALA B 263 10.12 -10.65 -7.90
C ALA B 263 10.52 -11.90 -8.66
N PHE B 264 11.11 -12.86 -7.95
CA PHE B 264 11.53 -14.10 -8.59
C PHE B 264 10.67 -15.28 -8.14
N PHE B 265 10.75 -16.39 -8.86
CA PHE B 265 9.93 -17.55 -8.51
C PHE B 265 10.67 -18.86 -8.32
N ILE B 266 9.96 -19.81 -7.72
CA ILE B 266 10.43 -21.17 -7.50
C ILE B 266 9.21 -21.98 -7.85
N THR B 267 9.41 -23.14 -8.48
CA THR B 267 8.27 -23.97 -8.87
C THR B 267 8.42 -25.41 -8.42
N ASP B 268 7.34 -25.97 -7.89
CA ASP B 268 7.35 -27.35 -7.45
C ASP B 268 7.30 -28.23 -8.69
N GLN B 269 8.19 -29.23 -8.76
CA GLN B 269 8.23 -30.18 -9.86
C GLN B 269 8.29 -31.62 -9.34
N GLY B 270 8.21 -31.75 -8.02
CA GLY B 270 8.28 -33.06 -7.37
C GLY B 270 7.38 -34.16 -7.91
N ARG B 271 6.27 -33.78 -8.53
CA ARG B 271 5.36 -34.78 -9.08
C ARG B 271 4.91 -34.41 -10.50
N SER B 272 5.81 -33.75 -11.22
CA SER B 272 5.53 -33.29 -12.58
C SER B 272 6.26 -34.10 -13.65
N GLY B 273 6.85 -35.23 -13.27
CA GLY B 273 7.60 -36.03 -14.22
C GLY B 273 6.90 -36.49 -15.48
N LYS B 274 5.73 -37.13 -15.31
CA LYS B 274 4.96 -37.64 -16.43
C LYS B 274 3.93 -36.62 -16.92
N GLN B 275 4.04 -36.26 -18.20
CA GLN B 275 3.17 -35.29 -18.84
C GLN B 275 2.67 -35.85 -20.17
N PRO B 276 1.34 -35.82 -20.40
CA PRO B 276 0.35 -35.27 -19.47
C PRO B 276 0.09 -36.24 -18.33
N THR B 277 -0.64 -35.76 -17.33
CA THR B 277 -0.98 -36.55 -16.16
C THR B 277 -2.27 -37.34 -16.41
N GLY B 278 -2.69 -38.08 -15.39
CA GLY B 278 -3.92 -38.85 -15.48
C GLY B 278 -5.07 -38.05 -14.91
N GLN B 279 -4.91 -36.73 -14.86
CA GLN B 279 -5.95 -35.87 -14.34
C GLN B 279 -7.11 -35.88 -15.33
N GLN B 280 -8.31 -36.18 -14.85
CA GLN B 280 -9.50 -36.17 -15.69
C GLN B 280 -9.84 -34.69 -15.89
N GLN B 281 -9.69 -33.93 -14.81
CA GLN B 281 -9.94 -32.50 -14.82
C GLN B 281 -8.78 -31.75 -14.19
N TRP B 282 -8.50 -30.57 -14.71
CA TRP B 282 -7.38 -29.78 -14.22
C TRP B 282 -7.51 -29.40 -12.73
N GLY B 283 -8.72 -29.37 -12.21
CA GLY B 283 -8.91 -29.03 -10.81
C GLY B 283 -8.78 -30.22 -9.87
N ASP B 284 -8.65 -31.41 -10.44
CA ASP B 284 -8.50 -32.63 -9.63
C ASP B 284 -7.10 -32.63 -9.03
N TRP B 285 -7.02 -32.43 -7.72
CA TRP B 285 -5.72 -32.33 -7.04
C TRP B 285 -5.32 -33.43 -6.05
N CYS B 286 -6.25 -34.29 -5.65
CA CYS B 286 -5.91 -35.30 -4.66
C CYS B 286 -5.31 -36.59 -5.19
N ASN B 287 -4.12 -36.94 -4.69
CA ASN B 287 -3.42 -38.17 -5.09
C ASN B 287 -3.60 -38.57 -6.55
N VAL B 288 -3.36 -37.64 -7.46
CA VAL B 288 -3.51 -37.87 -8.89
C VAL B 288 -2.67 -39.02 -9.47
N ILE B 289 -3.30 -39.94 -10.19
CA ILE B 289 -2.61 -41.07 -10.81
C ILE B 289 -1.90 -40.62 -12.07
N GLY B 290 -1.01 -41.47 -12.57
CA GLY B 290 -0.29 -41.13 -13.78
C GLY B 290 0.75 -40.05 -13.58
N THR B 291 1.34 -39.99 -12.38
CA THR B 291 2.36 -39.00 -12.05
C THR B 291 3.66 -39.65 -11.59
N GLY B 292 4.76 -38.95 -11.80
CA GLY B 292 6.06 -39.44 -11.39
C GLY B 292 6.98 -38.29 -11.01
N PHE B 293 8.06 -38.57 -10.29
CA PHE B 293 8.98 -37.49 -9.90
C PHE B 293 9.43 -36.78 -11.17
N GLY B 294 9.62 -35.47 -11.08
CA GLY B 294 10.05 -34.72 -12.24
C GLY B 294 11.40 -34.07 -12.05
N ILE B 295 11.62 -32.97 -12.76
CA ILE B 295 12.85 -32.22 -12.73
C ILE B 295 13.39 -32.09 -11.31
N ARG B 296 14.63 -32.53 -11.11
CA ARG B 296 15.27 -32.47 -9.80
C ARG B 296 15.57 -31.02 -9.43
N PRO B 297 15.68 -30.73 -8.12
CA PRO B 297 15.97 -29.38 -7.62
C PRO B 297 17.28 -28.83 -8.14
N SER B 298 17.26 -27.62 -8.70
CA SER B 298 18.46 -27.00 -9.25
C SER B 298 18.29 -25.52 -9.49
N ALA B 299 19.32 -24.75 -9.17
CA ALA B 299 19.27 -23.31 -9.36
C ALA B 299 19.68 -22.93 -10.79
N ASN B 300 20.15 -23.92 -11.55
CA ASN B 300 20.55 -23.70 -12.93
C ASN B 300 19.31 -23.97 -13.78
N THR B 301 18.35 -23.07 -13.63
CA THR B 301 17.07 -23.15 -14.32
C THR B 301 17.05 -22.76 -15.80
N GLY B 302 18.02 -21.97 -16.23
CA GLY B 302 18.05 -21.54 -17.61
C GLY B 302 16.95 -20.54 -17.89
N ASP B 303 16.36 -20.03 -16.81
CA ASP B 303 15.25 -19.06 -16.87
C ASP B 303 15.64 -17.76 -16.17
N SER B 304 15.11 -16.66 -16.66
CA SER B 304 15.41 -15.35 -16.12
C SER B 304 14.61 -14.98 -14.87
N LEU B 305 13.51 -15.71 -14.62
CA LEU B 305 12.67 -15.42 -13.47
C LEU B 305 12.68 -16.52 -12.40
N LEU B 306 13.08 -17.73 -12.78
CA LEU B 306 13.10 -18.83 -11.83
C LEU B 306 14.41 -19.04 -11.07
N ASP B 307 14.41 -18.72 -9.79
CA ASP B 307 15.59 -18.91 -8.96
C ASP B 307 15.94 -20.38 -8.85
N SER B 308 14.90 -21.22 -8.81
CA SER B 308 15.17 -22.64 -8.64
C SER B 308 13.97 -23.55 -8.81
N PHE B 309 14.26 -24.77 -9.24
CA PHE B 309 13.28 -25.83 -9.37
C PHE B 309 13.34 -26.39 -7.94
N VAL B 310 12.21 -26.81 -7.38
CA VAL B 310 12.19 -27.34 -6.03
C VAL B 310 11.18 -28.47 -5.92
N TRP B 311 11.32 -29.27 -4.87
CA TRP B 311 10.39 -30.36 -4.59
C TRP B 311 9.75 -29.96 -3.26
N VAL B 312 8.66 -29.20 -3.34
CA VAL B 312 8.00 -28.74 -2.14
C VAL B 312 7.15 -29.82 -1.49
N LYS B 313 6.18 -30.36 -2.22
CA LYS B 313 5.34 -31.42 -1.70
C LYS B 313 6.13 -32.72 -1.80
N PRO B 314 6.38 -33.40 -0.67
CA PRO B 314 7.13 -34.65 -0.66
C PRO B 314 6.37 -35.79 -1.32
N GLY B 315 6.94 -36.43 -2.34
CA GLY B 315 6.26 -37.52 -3.01
C GLY B 315 6.16 -38.74 -2.12
N GLY B 316 4.95 -39.23 -1.89
CA GLY B 316 4.78 -40.39 -1.05
C GLY B 316 3.93 -40.07 0.17
N GLU B 317 3.85 -38.79 0.51
CA GLU B 317 3.03 -38.32 1.64
C GLU B 317 1.65 -38.02 1.09
N CYS B 318 0.66 -38.74 1.58
CA CYS B 318 -0.72 -38.64 1.11
C CYS B 318 -1.35 -37.25 1.04
N ASP B 319 -2.21 -37.03 0.04
CA ASP B 319 -2.89 -35.75 -0.11
C ASP B 319 -4.19 -35.74 0.69
N GLY B 320 -4.67 -36.93 1.06
CA GLY B 320 -5.90 -37.05 1.83
C GLY B 320 -6.52 -38.44 1.73
N THR B 321 -7.20 -38.89 2.77
CA THR B 321 -7.82 -40.22 2.74
C THR B 321 -9.00 -40.31 1.80
N SER B 322 -9.31 -41.53 1.37
CA SER B 322 -10.44 -41.79 0.48
C SER B 322 -11.48 -42.60 1.25
N ASP B 323 -11.30 -42.68 2.56
CA ASP B 323 -12.23 -43.43 3.41
C ASP B 323 -13.34 -42.49 3.87
N SER B 324 -14.41 -42.44 3.09
CA SER B 324 -15.56 -41.58 3.38
C SER B 324 -15.95 -41.59 4.85
N SER B 325 -15.73 -42.71 5.51
CA SER B 325 -16.08 -42.87 6.91
C SER B 325 -15.20 -42.01 7.83
N ALA B 326 -13.93 -41.85 7.45
CA ALA B 326 -12.97 -41.09 8.23
C ALA B 326 -13.19 -39.57 8.29
N PRO B 327 -12.59 -38.92 9.30
CA PRO B 327 -12.69 -37.47 9.49
C PRO B 327 -11.90 -36.71 8.43
N ARG B 328 -12.37 -35.52 8.07
CA ARG B 328 -11.72 -34.69 7.06
C ARG B 328 -11.74 -35.34 5.68
N PHE B 329 -12.72 -36.20 5.45
CA PHE B 329 -12.82 -36.84 4.15
C PHE B 329 -13.24 -35.79 3.14
N ASP B 330 -12.50 -35.71 2.04
CA ASP B 330 -12.79 -34.75 0.97
C ASP B 330 -13.08 -35.57 -0.28
N SER B 331 -14.32 -35.51 -0.76
CA SER B 331 -14.72 -36.26 -1.94
C SER B 331 -13.75 -36.19 -3.11
N HIS B 332 -12.95 -35.12 -3.18
CA HIS B 332 -11.99 -35.00 -4.26
C HIS B 332 -11.02 -36.18 -4.29
N CYS B 333 -10.72 -36.73 -3.10
CA CYS B 333 -9.81 -37.85 -2.99
C CYS B 333 -10.42 -39.20 -3.37
N ALA B 334 -11.73 -39.23 -3.61
CA ALA B 334 -12.36 -40.48 -3.97
C ALA B 334 -12.79 -40.50 -5.43
N LEU B 335 -12.22 -39.59 -6.22
CA LEU B 335 -12.56 -39.50 -7.65
C LEU B 335 -11.85 -40.56 -8.49
N PRO B 336 -12.39 -40.85 -9.68
CA PRO B 336 -11.82 -41.84 -10.59
C PRO B 336 -10.32 -41.66 -10.85
N ASP B 337 -9.86 -40.41 -10.86
CA ASP B 337 -8.44 -40.16 -11.11
C ASP B 337 -7.59 -39.98 -9.86
N ALA B 338 -8.11 -40.43 -8.72
CA ALA B 338 -7.37 -40.33 -7.46
C ALA B 338 -6.98 -41.73 -7.01
N LEU B 339 -5.70 -41.93 -6.72
CA LEU B 339 -5.25 -43.25 -6.30
C LEU B 339 -6.00 -43.68 -5.05
N GLN B 340 -6.45 -44.93 -5.05
CA GLN B 340 -7.21 -45.52 -3.95
C GLN B 340 -6.79 -46.96 -3.68
N PRO B 341 -6.90 -47.42 -2.42
CA PRO B 341 -7.37 -46.71 -1.23
C PRO B 341 -6.26 -45.81 -0.68
N ALA B 342 -6.65 -44.71 -0.03
CA ALA B 342 -5.69 -43.74 0.50
C ALA B 342 -5.82 -43.45 1.99
N PRO B 343 -4.68 -43.43 2.71
CA PRO B 343 -4.65 -43.15 4.15
C PRO B 343 -4.87 -41.66 4.35
N GLN B 344 -4.75 -41.18 5.59
CA GLN B 344 -4.96 -39.77 5.87
C GLN B 344 -3.88 -38.85 5.30
N ALA B 345 -4.26 -37.61 5.07
CA ALA B 345 -3.36 -36.59 4.53
C ALA B 345 -2.12 -36.46 5.39
N GLY B 346 -0.95 -36.61 4.76
CA GLY B 346 0.32 -36.48 5.47
C GLY B 346 0.97 -37.80 5.78
N ALA B 347 0.16 -38.87 5.81
CA ALA B 347 0.67 -40.20 6.11
C ALA B 347 1.28 -40.82 4.87
N TRP B 348 2.20 -41.75 5.06
CA TRP B 348 2.86 -42.41 3.94
C TRP B 348 1.83 -43.21 3.12
N PHE B 349 1.99 -43.15 1.80
CA PHE B 349 1.11 -43.81 0.84
C PHE B 349 2.04 -44.62 -0.05
N GLN B 350 2.37 -45.85 0.36
CA GLN B 350 3.29 -46.69 -0.41
C GLN B 350 2.99 -46.80 -1.90
N ALA B 351 1.79 -47.26 -2.24
CA ALA B 351 1.42 -47.41 -3.65
C ALA B 351 1.68 -46.15 -4.47
N TYR B 352 1.52 -44.98 -3.86
CA TYR B 352 1.74 -43.74 -4.60
C TYR B 352 3.21 -43.50 -4.85
N PHE B 353 4.03 -43.81 -3.84
CA PHE B 353 5.48 -43.65 -3.96
C PHE B 353 5.96 -44.49 -5.13
N VAL B 354 5.57 -45.76 -5.15
CA VAL B 354 5.97 -46.68 -6.19
C VAL B 354 5.65 -46.12 -7.58
N GLN B 355 4.43 -45.61 -7.74
CA GLN B 355 4.01 -45.03 -9.01
C GLN B 355 4.92 -43.86 -9.41
N LEU B 356 5.20 -42.97 -8.47
CA LEU B 356 6.07 -41.83 -8.76
C LEU B 356 7.42 -42.36 -9.18
N LEU B 357 7.90 -43.35 -8.44
CA LEU B 357 9.18 -43.98 -8.70
C LEU B 357 9.21 -44.53 -10.12
N THR B 358 8.17 -45.25 -10.49
CA THR B 358 8.07 -45.84 -11.82
C THR B 358 7.97 -44.80 -12.95
N ASN B 359 7.20 -43.75 -12.73
CA ASN B 359 6.99 -42.71 -13.74
C ASN B 359 8.02 -41.59 -13.65
N ALA B 360 9.06 -41.78 -12.84
CA ALA B 360 10.09 -40.74 -12.67
C ALA B 360 10.78 -40.33 -13.96
N ASN B 361 10.91 -39.03 -14.15
CA ASN B 361 11.59 -38.49 -15.34
C ASN B 361 12.14 -37.11 -15.03
N PRO B 362 13.47 -36.99 -14.97
CA PRO B 362 14.45 -38.06 -15.16
C PRO B 362 14.21 -39.28 -14.27
N SER B 363 14.58 -40.44 -14.79
CA SER B 363 14.41 -41.70 -14.08
C SER B 363 15.43 -41.96 -12.97
N PHE B 364 15.10 -42.92 -12.11
CA PHE B 364 15.97 -43.33 -11.03
C PHE B 364 16.42 -44.74 -11.34
N LEU B 365 15.66 -45.40 -12.21
CA LEU B 365 15.99 -46.76 -12.63
C LEU B 365 17.05 -46.77 -13.71
#